data_1U0L
#
_entry.id   1U0L
#
_cell.length_a   142.819
_cell.length_b   114.798
_cell.length_c   77.088
_cell.angle_alpha   90.00
_cell.angle_beta   105.72
_cell.angle_gamma   90.00
#
_symmetry.space_group_name_H-M   'C 1 2 1'
#
loop_
_entity.id
_entity.type
_entity.pdbx_description
1 polymer 'Probable GTPase engC'
2 non-polymer 'ZINC ION'
3 non-polymer "GUANOSINE-5'-DIPHOSPHATE"
4 water water
#
_entity_poly.entity_id   1
_entity_poly.type   'polypeptide(L)'
_entity_poly.pdbx_seq_one_letter_code
;GGGGGGMNLRRRGIVVSFHSNMVTVEDEETGERILCKLRGKFRLQNLKIYVGDRVEYTPDETGSGVIENVLHRKNLLTKP
HVANVDQVILVVTVKMPETSTYIIDKFLVLAEKNELETVMVINKMDLYDEDDLRKVRELEEIYSGLYPIVKTSAKTGMGI
EELKEYLKGKISTMAGLSGVGKSSLLNAINPGLKLRVSEVSEKLQRGRHTTTTAQLLKFDFGGYVVDTPGFANLEINDIE
PEELKHYFKEFGDKQCFFSDCNHVDEPECGVKEAVENGEIAESRYENYVKMFYELLGRRKK
;
_entity_poly.pdbx_strand_id   A,B,C
#
loop_
_chem_comp.id
_chem_comp.type
_chem_comp.name
_chem_comp.formula
GDP RNA linking GUANOSINE-5'-DIPHOSPHATE 'C10 H15 N5 O11 P2'
ZN non-polymer 'ZINC ION' 'Zn 2'
#
# COMPACT_ATOMS: atom_id res chain seq x y z
N LEU A 9 24.26 -36.30 27.47
CA LEU A 9 25.05 -35.04 27.55
C LEU A 9 24.87 -34.16 26.30
N ARG A 10 25.21 -32.89 26.43
CA ARG A 10 25.12 -31.91 25.35
C ARG A 10 25.53 -32.45 23.97
N ARG A 11 24.60 -32.39 23.02
CA ARG A 11 24.85 -32.81 21.65
C ARG A 11 24.34 -31.76 20.69
N ARG A 12 25.08 -31.53 19.60
CA ARG A 12 24.71 -30.54 18.61
C ARG A 12 23.82 -31.16 17.53
N GLY A 13 22.85 -30.37 17.07
CA GLY A 13 21.93 -30.82 16.03
C GLY A 13 21.37 -29.68 15.20
N ILE A 14 20.75 -30.02 14.07
CA ILE A 14 20.15 -29.03 13.20
C ILE A 14 18.64 -29.28 13.21
N VAL A 15 17.85 -28.24 13.45
CA VAL A 15 16.40 -28.41 13.43
C VAL A 15 15.96 -28.69 11.99
N VAL A 16 15.05 -29.64 11.80
CA VAL A 16 14.62 -29.96 10.46
C VAL A 16 13.12 -29.90 10.20
N SER A 17 12.33 -29.85 11.26
CA SER A 17 10.88 -29.74 11.09
C SER A 17 10.17 -29.63 12.43
N PHE A 18 8.90 -29.26 12.37
CA PHE A 18 8.09 -29.14 13.57
C PHE A 18 6.89 -30.08 13.52
N HIS A 19 6.98 -31.17 14.27
CA HIS A 19 5.96 -32.20 14.32
C HIS A 19 5.21 -32.20 15.68
N SER A 20 3.95 -32.62 15.66
CA SER A 20 3.11 -32.68 16.86
C SER A 20 3.40 -31.66 17.97
N ASN A 21 3.49 -30.39 17.58
CA ASN A 21 3.75 -29.29 18.51
C ASN A 21 5.08 -29.45 19.24
N MET A 22 6.07 -30.02 18.53
CA MET A 22 7.41 -30.24 19.08
C MET A 22 8.49 -30.12 18.01
N VAL A 23 9.69 -29.69 18.42
CA VAL A 23 10.81 -29.53 17.51
C VAL A 23 11.54 -30.84 17.22
N THR A 24 11.70 -31.15 15.94
CA THR A 24 12.40 -32.36 15.51
C THR A 24 13.82 -31.95 15.15
N VAL A 25 14.82 -32.50 15.84
CA VAL A 25 16.21 -32.16 15.52
C VAL A 25 16.93 -33.36 14.94
N GLU A 26 18.01 -33.09 14.23
CA GLU A 26 18.82 -34.14 13.64
C GLU A 26 20.20 -34.02 14.27
N ASP A 27 20.79 -35.16 14.63
CA ASP A 27 22.10 -35.15 15.28
C ASP A 27 23.24 -34.80 14.31
N GLU A 28 23.94 -33.72 14.62
CA GLU A 28 25.05 -33.25 13.81
C GLU A 28 26.13 -34.31 13.60
N GLU A 29 26.40 -35.09 14.66
CA GLU A 29 27.41 -36.14 14.59
C GLU A 29 26.97 -37.14 13.54
N THR A 30 26.37 -38.23 13.99
CA THR A 30 25.86 -39.28 13.10
C THR A 30 24.54 -39.70 13.71
N GLY A 31 23.60 -38.77 13.73
CA GLY A 31 22.32 -39.09 14.33
C GLY A 31 21.09 -39.12 13.45
N GLU A 32 20.06 -39.74 14.01
CA GLU A 32 18.79 -39.87 13.36
C GLU A 32 17.93 -38.68 13.76
N ARG A 33 16.62 -38.79 13.54
CA ARG A 33 15.70 -37.73 13.85
C ARG A 33 15.16 -37.80 15.29
N ILE A 34 15.82 -37.08 16.20
CA ILE A 34 15.42 -37.05 17.61
C ILE A 34 14.37 -35.98 17.83
N LEU A 35 13.18 -36.36 18.30
CA LEU A 35 12.16 -35.33 18.55
C LEU A 35 12.58 -34.63 19.83
N CYS A 36 12.09 -33.41 20.06
CA CYS A 36 12.49 -32.66 21.26
C CYS A 36 11.51 -31.61 21.78
N LYS A 37 11.86 -31.08 22.94
CA LYS A 37 11.08 -30.05 23.61
C LYS A 37 12.07 -29.03 24.12
N LEU A 38 11.76 -27.75 23.98
CA LEU A 38 12.67 -26.73 24.45
C LEU A 38 12.34 -26.41 25.89
N ARG A 39 13.38 -26.45 26.72
CA ARG A 39 13.25 -26.17 28.15
C ARG A 39 13.99 -24.89 28.46
N GLY A 40 14.09 -24.60 29.75
CA GLY A 40 14.82 -23.42 30.15
C GLY A 40 14.09 -22.11 30.06
N LYS A 41 14.89 -21.04 29.91
CA LYS A 41 14.35 -19.70 29.86
C LYS A 41 14.06 -19.13 28.48
N PHE A 42 14.06 -19.96 27.44
CA PHE A 42 13.73 -19.45 26.11
C PHE A 42 12.41 -18.74 26.29
N ARG A 43 11.70 -19.17 27.34
CA ARG A 43 10.40 -18.63 27.73
C ARG A 43 10.63 -17.21 28.23
N LEU A 44 11.45 -17.08 29.26
CA LEU A 44 11.78 -15.79 29.87
C LEU A 44 12.22 -14.82 28.78
N GLN A 45 13.22 -15.21 27.99
CA GLN A 45 13.69 -14.36 26.91
C GLN A 45 12.75 -14.62 25.73
N ASN A 46 13.11 -14.09 24.57
CA ASN A 46 12.28 -14.27 23.38
C ASN A 46 13.14 -14.91 22.29
N LEU A 47 13.90 -15.93 22.66
CA LEU A 47 14.76 -16.60 21.69
C LEU A 47 13.96 -17.64 20.89
N LYS A 48 13.36 -17.19 19.79
CA LYS A 48 12.54 -18.05 18.92
C LYS A 48 13.39 -19.07 18.16
N ILE A 49 12.81 -20.23 17.86
CA ILE A 49 13.55 -21.26 17.14
C ILE A 49 12.87 -21.55 15.81
N TYR A 50 13.67 -21.85 14.79
CA TYR A 50 13.12 -22.10 13.47
C TYR A 50 13.76 -23.30 12.77
N VAL A 51 13.21 -23.67 11.61
CA VAL A 51 13.76 -24.78 10.84
C VAL A 51 15.10 -24.26 10.29
N GLY A 52 16.14 -25.09 10.39
CA GLY A 52 17.42 -24.67 9.90
C GLY A 52 18.30 -24.11 11.01
N ASP A 53 17.72 -24.00 12.20
CA ASP A 53 18.45 -23.50 13.35
C ASP A 53 19.32 -24.59 13.92
N ARG A 54 20.56 -24.22 14.26
CA ARG A 54 21.51 -25.16 14.84
C ARG A 54 21.27 -25.15 16.35
N VAL A 55 21.17 -26.33 16.96
CA VAL A 55 20.93 -26.38 18.40
C VAL A 55 21.68 -27.48 19.15
N GLU A 56 21.80 -27.30 20.46
CA GLU A 56 22.45 -28.28 21.33
C GLU A 56 21.39 -28.73 22.34
N TYR A 57 21.22 -30.04 22.46
CA TYR A 57 20.20 -30.61 23.33
C TYR A 57 20.70 -31.76 24.22
N THR A 58 19.81 -32.25 25.09
CA THR A 58 20.12 -33.36 26.00
C THR A 58 19.44 -34.62 25.47
N PRO A 59 20.23 -35.64 25.12
CA PRO A 59 19.73 -36.91 24.59
C PRO A 59 19.10 -37.90 25.57
N ASP A 60 18.03 -37.52 26.27
CA ASP A 60 17.41 -38.46 27.18
C ASP A 60 16.70 -39.52 26.33
N GLU A 61 17.51 -40.33 25.64
CA GLU A 61 17.04 -41.38 24.75
C GLU A 61 15.80 -42.14 25.23
N THR A 62 15.56 -42.10 26.53
CA THR A 62 14.40 -42.77 27.12
C THR A 62 13.14 -42.00 26.72
N GLY A 63 13.20 -41.37 25.54
CA GLY A 63 12.08 -40.59 25.05
C GLY A 63 12.54 -39.27 24.47
N SER A 64 12.92 -39.26 23.20
CA SER A 64 13.37 -38.07 22.50
C SER A 64 14.54 -37.33 23.18
N GLY A 65 14.38 -36.02 23.34
CA GLY A 65 15.42 -35.20 23.97
C GLY A 65 14.87 -33.84 24.36
N VAL A 66 15.74 -32.96 24.86
CA VAL A 66 15.32 -31.62 25.28
C VAL A 66 16.32 -30.60 24.74
N ILE A 67 15.81 -29.52 24.18
CA ILE A 67 16.69 -28.50 23.63
C ILE A 67 17.19 -27.54 24.69
N GLU A 68 18.50 -27.57 24.90
CA GLU A 68 19.14 -26.72 25.91
C GLU A 68 19.46 -25.33 25.41
N ASN A 69 19.86 -25.21 24.15
CA ASN A 69 20.17 -23.90 23.61
C ASN A 69 20.14 -23.85 22.08
N VAL A 70 19.88 -22.65 21.56
CA VAL A 70 19.81 -22.40 20.12
C VAL A 70 20.96 -21.48 19.71
N LEU A 71 21.84 -21.96 18.84
CA LEU A 71 22.99 -21.18 18.37
C LEU A 71 22.55 -19.93 17.61
N HIS A 72 23.48 -19.03 17.36
CA HIS A 72 23.18 -17.80 16.63
C HIS A 72 23.08 -18.08 15.13
N ARG A 73 22.06 -17.51 14.49
CA ARG A 73 21.84 -17.71 13.07
C ARG A 73 22.53 -16.67 12.19
N LYS A 74 22.94 -17.10 10.99
CA LYS A 74 23.61 -16.21 10.03
C LYS A 74 22.57 -15.37 9.29
N ASN A 75 21.32 -15.85 9.29
CA ASN A 75 20.22 -15.17 8.61
C ASN A 75 18.90 -15.91 8.87
N LEU A 76 17.81 -15.35 8.37
CA LEU A 76 16.50 -15.95 8.56
C LEU A 76 15.60 -15.59 7.39
N LEU A 77 15.36 -16.53 6.48
CA LEU A 77 14.49 -16.27 5.34
C LEU A 77 13.15 -16.06 5.97
N THR A 78 12.22 -15.42 5.27
CA THR A 78 10.98 -15.15 5.94
C THR A 78 9.74 -16.03 5.76
N LYS A 79 8.74 -15.63 5.00
CA LYS A 79 7.53 -16.45 4.89
C LYS A 79 7.83 -17.89 5.26
N PRO A 80 8.35 -18.70 4.32
CA PRO A 80 8.60 -20.04 4.89
C PRO A 80 9.81 -19.77 5.79
N HIS A 81 9.60 -19.66 7.10
CA HIS A 81 10.72 -19.39 8.01
C HIS A 81 11.81 -20.42 7.87
N VAL A 82 13.04 -19.97 7.61
CA VAL A 82 14.19 -20.85 7.51
C VAL A 82 15.44 -20.09 7.94
N ALA A 83 16.25 -20.76 8.76
CA ALA A 83 17.45 -20.16 9.30
C ALA A 83 18.72 -20.76 8.75
N ASN A 84 19.76 -19.94 8.61
CA ASN A 84 21.07 -20.40 8.12
C ASN A 84 21.04 -20.96 6.72
N VAL A 85 20.37 -20.25 5.81
CA VAL A 85 20.31 -20.68 4.44
C VAL A 85 21.54 -20.13 3.73
N ASP A 86 22.23 -20.98 2.96
CA ASP A 86 23.42 -20.56 2.22
C ASP A 86 23.07 -20.23 0.79
N GLN A 87 22.36 -21.14 0.12
CA GLN A 87 22.01 -20.94 -1.28
C GLN A 87 20.57 -20.80 -1.69
N VAL A 88 20.44 -20.14 -2.83
CA VAL A 88 19.18 -19.89 -3.49
C VAL A 88 19.40 -20.52 -4.84
N ILE A 89 18.58 -21.51 -5.19
CA ILE A 89 18.68 -22.13 -6.50
C ILE A 89 17.57 -21.45 -7.25
N LEU A 90 17.95 -20.58 -8.18
CA LEU A 90 16.98 -19.83 -8.94
C LEU A 90 16.65 -20.53 -10.25
N VAL A 91 15.52 -21.22 -10.28
CA VAL A 91 15.15 -21.90 -11.49
C VAL A 91 14.39 -20.95 -12.39
N VAL A 92 14.91 -20.82 -13.59
CA VAL A 92 14.37 -19.91 -14.58
C VAL A 92 13.91 -20.63 -15.84
N THR A 93 12.94 -20.02 -16.52
CA THR A 93 12.33 -20.60 -17.70
C THR A 93 12.19 -19.56 -18.81
N VAL A 94 12.68 -19.84 -20.02
CA VAL A 94 12.53 -18.86 -21.09
C VAL A 94 11.19 -19.05 -21.80
N LYS A 95 10.85 -20.32 -22.01
CA LYS A 95 9.62 -20.70 -22.70
C LYS A 95 8.62 -21.03 -21.61
N MET A 96 7.69 -21.94 -21.92
CA MET A 96 6.65 -22.32 -20.97
C MET A 96 6.44 -21.31 -19.83
N PRO A 97 6.88 -21.60 -18.59
CA PRO A 97 6.50 -20.43 -17.69
C PRO A 97 6.90 -18.99 -18.06
N GLU A 98 7.86 -18.80 -18.96
CA GLU A 98 8.29 -17.45 -19.37
C GLU A 98 8.68 -16.55 -18.21
N THR A 99 9.98 -16.46 -17.94
CA THR A 99 10.47 -15.66 -16.83
C THR A 99 11.06 -14.37 -17.30
N SER A 100 10.54 -13.26 -16.83
CA SER A 100 11.03 -11.95 -17.25
C SER A 100 12.30 -11.63 -16.47
N THR A 101 13.21 -10.88 -17.06
CA THR A 101 14.43 -10.51 -16.35
C THR A 101 14.05 -9.75 -15.10
N TYR A 102 12.94 -9.01 -15.16
CA TYR A 102 12.48 -8.24 -14.00
C TYR A 102 12.25 -9.16 -12.80
N ILE A 103 11.51 -10.24 -13.01
CA ILE A 103 11.24 -11.19 -11.93
C ILE A 103 12.56 -11.77 -11.47
N ILE A 104 13.41 -12.13 -12.42
CA ILE A 104 14.74 -12.68 -12.11
C ILE A 104 15.57 -11.75 -11.22
N ASP A 105 15.58 -10.47 -11.53
CA ASP A 105 16.36 -9.52 -10.75
C ASP A 105 15.76 -9.24 -9.38
N LYS A 106 14.44 -9.39 -9.26
CA LYS A 106 13.80 -9.18 -7.98
C LYS A 106 14.21 -10.34 -7.08
N PHE A 107 14.30 -11.53 -7.68
CA PHE A 107 14.71 -12.72 -6.95
C PHE A 107 16.14 -12.56 -6.48
N LEU A 108 17.02 -12.14 -7.39
CA LEU A 108 18.43 -11.93 -7.06
C LEU A 108 18.55 -10.86 -5.99
N VAL A 109 17.80 -9.77 -6.12
CA VAL A 109 17.85 -8.70 -5.12
C VAL A 109 17.56 -9.30 -3.75
N LEU A 110 16.51 -10.14 -3.68
CA LEU A 110 16.14 -10.80 -2.43
C LEU A 110 17.24 -11.73 -1.89
N ALA A 111 17.83 -12.51 -2.79
CA ALA A 111 18.89 -13.44 -2.40
C ALA A 111 20.10 -12.68 -1.87
N GLU A 112 20.40 -11.56 -2.52
CA GLU A 112 21.52 -10.74 -2.11
C GLU A 112 21.21 -10.09 -0.75
N LYS A 113 20.01 -9.53 -0.63
CA LYS A 113 19.63 -8.90 0.61
C LYS A 113 19.82 -9.83 1.80
N ASN A 114 19.48 -11.11 1.64
CA ASN A 114 19.62 -12.06 2.74
C ASN A 114 20.99 -12.71 2.78
N GLU A 115 21.90 -12.13 1.98
CA GLU A 115 23.27 -12.58 1.88
C GLU A 115 23.35 -14.07 1.64
N LEU A 116 23.01 -14.48 0.41
CA LEU A 116 23.01 -15.88 0.04
C LEU A 116 23.70 -16.09 -1.31
N GLU A 117 24.32 -17.25 -1.47
CA GLU A 117 24.95 -17.58 -2.73
C GLU A 117 23.75 -17.91 -3.61
N THR A 118 23.82 -17.54 -4.88
CA THR A 118 22.73 -17.86 -5.79
C THR A 118 23.23 -18.61 -7.00
N VAL A 119 22.52 -19.69 -7.35
CA VAL A 119 22.86 -20.46 -8.53
C VAL A 119 21.65 -20.43 -9.46
N MET A 120 21.83 -19.78 -10.60
CA MET A 120 20.77 -19.65 -11.59
C MET A 120 20.67 -20.91 -12.45
N VAL A 121 19.47 -21.45 -12.55
CA VAL A 121 19.27 -22.65 -13.36
C VAL A 121 18.24 -22.49 -14.48
N ILE A 122 18.70 -22.42 -15.72
CA ILE A 122 17.79 -22.33 -16.88
C ILE A 122 17.28 -23.75 -17.10
N ASN A 123 16.03 -24.00 -16.72
CA ASN A 123 15.47 -25.35 -16.87
C ASN A 123 14.64 -25.62 -18.14
N LYS A 124 14.21 -26.87 -18.32
CA LYS A 124 13.39 -27.26 -19.47
C LYS A 124 14.10 -27.09 -20.81
N MET A 125 15.41 -27.29 -20.83
CA MET A 125 16.17 -27.14 -22.05
C MET A 125 15.68 -28.08 -23.14
N ASP A 126 15.19 -29.24 -22.73
CA ASP A 126 14.72 -30.23 -23.70
C ASP A 126 13.58 -29.74 -24.56
N LEU A 127 12.95 -28.66 -24.12
CA LEU A 127 11.79 -28.11 -24.83
C LEU A 127 12.14 -26.99 -25.82
N TYR A 128 13.33 -26.42 -25.68
CA TYR A 128 13.72 -25.29 -26.49
C TYR A 128 14.15 -25.50 -27.93
N ASP A 129 13.58 -24.71 -28.83
CA ASP A 129 13.92 -24.74 -30.24
C ASP A 129 14.97 -23.65 -30.45
N GLU A 130 15.29 -23.36 -31.71
CA GLU A 130 16.32 -22.35 -31.98
C GLU A 130 16.06 -20.94 -31.47
N ASP A 131 14.82 -20.48 -31.55
CA ASP A 131 14.51 -19.13 -31.08
C ASP A 131 14.65 -19.10 -29.56
N ASP A 132 14.18 -20.17 -28.92
CA ASP A 132 14.25 -20.25 -27.46
C ASP A 132 15.70 -20.23 -27.03
N LEU A 133 16.52 -21.04 -27.70
CA LEU A 133 17.93 -21.10 -27.38
C LEU A 133 18.58 -19.74 -27.50
N ARG A 134 18.09 -18.93 -28.42
CA ARG A 134 18.63 -17.60 -28.59
C ARG A 134 18.35 -16.80 -27.32
N LYS A 135 17.13 -16.94 -26.81
CA LYS A 135 16.74 -16.25 -25.58
C LYS A 135 17.60 -16.75 -24.43
N VAL A 136 17.99 -18.02 -24.50
CA VAL A 136 18.84 -18.59 -23.47
C VAL A 136 20.17 -17.87 -23.55
N ARG A 137 20.78 -17.85 -24.72
CA ARG A 137 22.07 -17.17 -24.89
C ARG A 137 22.01 -15.73 -24.43
N GLU A 138 20.80 -15.17 -24.33
CA GLU A 138 20.64 -13.78 -23.89
C GLU A 138 20.67 -13.71 -22.36
N LEU A 139 20.26 -14.80 -21.72
CA LEU A 139 20.25 -14.86 -20.28
C LEU A 139 21.66 -15.04 -19.82
N GLU A 140 22.39 -15.92 -20.50
CA GLU A 140 23.78 -16.16 -20.16
C GLU A 140 24.50 -14.83 -20.44
N GLU A 141 24.16 -14.22 -21.55
CA GLU A 141 24.74 -12.95 -21.94
C GLU A 141 24.60 -11.88 -20.83
N ILE A 142 23.54 -11.97 -20.03
CA ILE A 142 23.31 -11.01 -18.96
C ILE A 142 23.86 -11.45 -17.64
N TYR A 143 23.54 -12.68 -17.25
CA TYR A 143 23.95 -13.16 -15.95
C TYR A 143 25.21 -14.01 -15.89
N SER A 144 25.78 -14.33 -17.03
CA SER A 144 26.99 -15.16 -17.05
C SER A 144 28.06 -14.64 -16.07
N GLY A 145 28.39 -13.35 -16.18
CA GLY A 145 29.42 -12.80 -15.33
C GLY A 145 29.03 -12.35 -13.94
N LEU A 146 27.78 -12.58 -13.54
CA LEU A 146 27.32 -12.16 -12.22
C LEU A 146 26.97 -13.35 -11.32
N TYR A 147 26.67 -14.49 -11.93
CA TYR A 147 26.29 -15.69 -11.20
C TYR A 147 26.55 -16.95 -11.99
N PRO A 148 26.67 -18.08 -11.30
CA PRO A 148 26.91 -19.37 -11.94
C PRO A 148 25.61 -19.75 -12.63
N ILE A 149 25.68 -20.29 -13.84
CA ILE A 149 24.48 -20.68 -14.54
C ILE A 149 24.56 -22.16 -14.90
N VAL A 150 23.48 -22.91 -14.67
CA VAL A 150 23.51 -24.32 -15.08
C VAL A 150 22.27 -24.64 -15.93
N LYS A 151 22.51 -25.17 -17.13
CA LYS A 151 21.40 -25.52 -18.02
C LYS A 151 20.89 -26.92 -17.67
N THR A 152 19.61 -27.03 -17.36
CA THR A 152 19.08 -28.34 -16.99
C THR A 152 17.81 -28.81 -17.70
N SER A 153 17.47 -30.07 -17.42
CA SER A 153 16.25 -30.70 -17.90
C SER A 153 15.89 -31.75 -16.89
N ALA A 154 14.87 -31.47 -16.07
CA ALA A 154 14.43 -32.42 -15.07
C ALA A 154 14.12 -33.75 -15.75
N LYS A 155 13.57 -33.67 -16.97
CA LYS A 155 13.21 -34.85 -17.74
C LYS A 155 14.41 -35.63 -18.30
N THR A 156 15.19 -34.96 -19.15
CA THR A 156 16.37 -35.55 -19.77
C THR A 156 17.49 -35.87 -18.79
N GLY A 157 17.56 -35.09 -17.71
CA GLY A 157 18.59 -35.30 -16.72
C GLY A 157 19.76 -34.37 -16.99
N MET A 158 19.68 -33.63 -18.08
CA MET A 158 20.76 -32.71 -18.43
C MET A 158 21.00 -31.66 -17.37
N GLY A 159 22.27 -31.54 -16.99
CA GLY A 159 22.72 -30.56 -16.02
C GLY A 159 22.52 -30.87 -14.56
N ILE A 160 21.86 -31.97 -14.22
CA ILE A 160 21.61 -32.29 -12.82
C ILE A 160 22.89 -32.65 -12.07
N GLU A 161 23.67 -33.57 -12.61
CA GLU A 161 24.90 -33.96 -11.94
C GLU A 161 25.76 -32.72 -11.64
N GLU A 162 25.79 -31.78 -12.56
CA GLU A 162 26.55 -30.56 -12.35
C GLU A 162 25.90 -29.75 -11.25
N LEU A 163 24.58 -29.80 -11.16
CA LEU A 163 23.86 -29.04 -10.15
C LEU A 163 24.01 -29.67 -8.78
N LYS A 164 24.15 -31.00 -8.75
CA LYS A 164 24.34 -31.70 -7.50
C LYS A 164 25.61 -31.16 -6.88
N GLU A 165 26.54 -30.75 -7.74
CA GLU A 165 27.79 -30.22 -7.25
C GLU A 165 27.67 -28.98 -6.39
N TYR A 166 26.65 -28.15 -6.61
CA TYR A 166 26.50 -26.94 -5.79
C TYR A 166 25.68 -27.20 -4.54
N LEU A 167 24.80 -28.18 -4.59
CA LEU A 167 23.96 -28.47 -3.46
C LEU A 167 24.70 -29.16 -2.33
N LYS A 168 25.74 -29.90 -2.68
CA LYS A 168 26.55 -30.62 -1.70
C LYS A 168 26.85 -29.81 -0.45
N GLY A 169 26.61 -30.44 0.70
CA GLY A 169 26.89 -29.83 1.98
C GLY A 169 25.97 -28.73 2.46
N LYS A 170 25.78 -27.73 1.62
CA LYS A 170 24.96 -26.56 1.95
C LYS A 170 23.48 -26.81 2.23
N ILE A 171 22.82 -25.78 2.77
CA ILE A 171 21.39 -25.82 3.03
C ILE A 171 20.87 -24.93 1.90
N SER A 172 20.06 -25.49 0.99
CA SER A 172 19.58 -24.68 -0.12
C SER A 172 18.07 -24.45 -0.24
N THR A 173 17.71 -23.32 -0.84
CA THR A 173 16.30 -23.01 -1.06
C THR A 173 16.03 -22.78 -2.56
N MET A 174 15.02 -23.49 -3.06
CA MET A 174 14.64 -23.37 -4.46
C MET A 174 13.79 -22.12 -4.61
N ALA A 175 13.92 -21.45 -5.74
CA ALA A 175 13.14 -20.24 -6.00
C ALA A 175 12.86 -20.07 -7.50
N GLY A 176 11.67 -19.58 -7.80
CA GLY A 176 11.28 -19.38 -9.19
C GLY A 176 9.78 -19.42 -9.37
N LEU A 177 9.31 -18.87 -10.48
CA LEU A 177 7.89 -18.83 -10.81
C LEU A 177 7.23 -20.22 -10.85
N SER A 178 5.99 -20.30 -10.40
CA SER A 178 5.26 -21.56 -10.38
C SER A 178 5.25 -22.19 -11.75
N GLY A 179 5.62 -23.46 -11.80
CA GLY A 179 5.64 -24.20 -13.05
C GLY A 179 7.00 -24.29 -13.71
N VAL A 180 7.92 -23.44 -13.29
CA VAL A 180 9.25 -23.39 -13.86
C VAL A 180 9.99 -24.75 -13.75
N GLY A 181 9.53 -25.61 -12.84
CA GLY A 181 10.14 -26.92 -12.69
C GLY A 181 10.89 -27.22 -11.39
N LYS A 182 10.67 -26.40 -10.38
CA LYS A 182 11.35 -26.55 -9.08
C LYS A 182 11.22 -27.93 -8.43
N SER A 183 10.00 -28.44 -8.35
CA SER A 183 9.76 -29.73 -7.75
C SER A 183 10.28 -30.89 -8.62
N SER A 184 10.23 -30.72 -9.94
CA SER A 184 10.70 -31.75 -10.86
C SER A 184 12.20 -31.90 -10.80
N LEU A 185 12.92 -30.79 -10.67
CA LEU A 185 14.38 -30.82 -10.60
C LEU A 185 14.80 -31.57 -9.32
N LEU A 186 14.11 -31.22 -8.23
CA LEU A 186 14.36 -31.82 -6.94
C LEU A 186 14.32 -33.33 -7.03
N ASN A 187 13.30 -33.84 -7.70
CA ASN A 187 13.12 -35.28 -7.85
C ASN A 187 14.15 -35.87 -8.79
N ALA A 188 14.67 -35.05 -9.69
CA ALA A 188 15.69 -35.51 -10.63
C ALA A 188 17.02 -35.65 -9.91
N ILE A 189 17.23 -34.80 -8.90
CA ILE A 189 18.46 -34.78 -8.11
C ILE A 189 18.48 -35.91 -7.09
N ASN A 190 17.32 -36.21 -6.54
CA ASN A 190 17.18 -37.26 -5.54
C ASN A 190 15.81 -37.91 -5.64
N PRO A 191 15.65 -38.91 -6.51
CA PRO A 191 14.36 -39.58 -6.67
C PRO A 191 13.65 -39.75 -5.33
N GLY A 192 12.41 -39.29 -5.25
CA GLY A 192 11.66 -39.40 -4.01
C GLY A 192 11.34 -38.06 -3.36
N LEU A 193 12.33 -37.16 -3.35
CA LEU A 193 12.17 -35.82 -2.77
C LEU A 193 11.27 -34.93 -3.60
N LYS A 194 10.50 -34.07 -2.93
CA LYS A 194 9.62 -33.16 -3.65
C LYS A 194 9.17 -31.98 -2.82
N LEU A 195 8.84 -30.88 -3.50
CA LEU A 195 8.39 -29.66 -2.85
C LEU A 195 7.01 -29.86 -2.24
N ARG A 196 6.58 -28.94 -1.38
CA ARG A 196 5.26 -29.07 -0.77
C ARG A 196 4.19 -28.75 -1.81
N THR A 210 -2.00 -26.28 11.45
CA THR A 210 -1.79 -27.31 10.44
C THR A 210 -0.30 -27.59 10.28
N THR A 211 0.24 -27.42 9.07
CA THR A 211 1.66 -27.65 8.81
C THR A 211 2.22 -26.52 7.95
N THR A 212 2.22 -25.32 8.51
CA THR A 212 2.71 -24.13 7.82
C THR A 212 4.20 -23.86 7.92
N THR A 213 4.95 -24.77 8.53
CA THR A 213 6.40 -24.58 8.64
C THR A 213 7.15 -25.43 7.63
N ALA A 214 8.28 -24.94 7.15
CA ALA A 214 9.06 -25.65 6.17
C ALA A 214 9.74 -26.83 6.83
N GLN A 215 10.46 -27.61 6.03
CA GLN A 215 11.18 -28.75 6.54
C GLN A 215 12.48 -28.81 5.78
N LEU A 216 13.46 -29.52 6.31
CA LEU A 216 14.70 -29.61 5.59
C LEU A 216 14.77 -31.03 5.07
N LEU A 217 15.04 -31.17 3.78
CA LEU A 217 15.14 -32.49 3.20
C LEU A 217 16.61 -32.77 3.02
N LYS A 218 17.07 -33.92 3.52
CA LYS A 218 18.48 -34.25 3.41
C LYS A 218 18.77 -34.84 2.05
N PHE A 219 19.86 -34.41 1.44
CA PHE A 219 20.26 -34.92 0.14
C PHE A 219 21.10 -36.17 0.29
N ASP A 220 20.95 -37.07 -0.68
CA ASP A 220 21.71 -38.30 -0.69
C ASP A 220 23.17 -37.99 -0.45
N PHE A 221 23.66 -36.97 -1.15
CA PHE A 221 25.05 -36.56 -1.11
C PHE A 221 25.43 -35.57 -0.02
N GLY A 222 24.60 -35.43 1.00
CA GLY A 222 24.93 -34.50 2.07
C GLY A 222 24.54 -33.07 1.73
N GLY A 223 23.77 -32.46 2.61
CA GLY A 223 23.32 -31.10 2.39
C GLY A 223 21.81 -31.15 2.51
N TYR A 224 21.18 -29.99 2.55
CA TYR A 224 19.73 -29.96 2.67
C TYR A 224 19.10 -28.96 1.73
N VAL A 225 17.83 -29.20 1.43
CA VAL A 225 17.05 -28.28 0.62
C VAL A 225 15.71 -28.13 1.33
N VAL A 226 15.20 -26.91 1.33
CA VAL A 226 13.95 -26.61 2.02
C VAL A 226 12.69 -27.22 1.43
N ASP A 227 11.78 -27.49 2.35
CA ASP A 227 10.46 -28.06 2.12
C ASP A 227 9.76 -27.32 1.00
N THR A 228 9.43 -26.06 1.27
CA THR A 228 8.73 -25.19 0.32
C THR A 228 9.74 -24.27 -0.40
N PRO A 229 9.29 -23.49 -1.40
CA PRO A 229 10.18 -22.59 -2.14
C PRO A 229 10.46 -21.27 -1.46
N GLY A 230 11.58 -20.67 -1.87
CA GLY A 230 12.03 -19.40 -1.34
C GLY A 230 11.01 -18.29 -1.26
N PHE A 231 11.43 -17.11 -1.67
CA PHE A 231 10.59 -15.92 -1.62
C PHE A 231 9.51 -15.91 -2.69
N ALA A 232 8.67 -16.93 -2.68
CA ALA A 232 7.60 -17.07 -3.65
C ALA A 232 6.70 -15.84 -3.71
N ASN A 233 6.65 -15.07 -2.63
CA ASN A 233 5.80 -13.89 -2.64
C ASN A 233 6.53 -12.65 -3.14
N LEU A 234 7.74 -12.83 -3.66
CA LEU A 234 8.53 -11.71 -4.20
C LEU A 234 8.22 -10.39 -3.50
N GLU A 235 8.40 -10.35 -2.19
CA GLU A 235 8.11 -9.14 -1.42
C GLU A 235 9.32 -8.29 -1.08
N ILE A 236 9.51 -7.23 -1.85
CA ILE A 236 10.59 -6.28 -1.65
C ILE A 236 10.00 -5.03 -1.03
N ASN A 237 10.02 -4.93 0.29
CA ASN A 237 9.45 -3.77 0.95
C ASN A 237 10.33 -3.36 2.11
N ASP A 238 10.96 -4.36 2.72
CA ASP A 238 11.84 -4.13 3.85
C ASP A 238 13.07 -3.39 3.34
N ILE A 239 13.06 -3.05 2.05
CA ILE A 239 14.20 -2.36 1.46
C ILE A 239 13.96 -0.88 1.19
N GLU A 240 14.87 -0.04 1.68
CA GLU A 240 14.80 1.40 1.49
C GLU A 240 15.27 1.68 0.07
N PRO A 241 14.69 2.67 -0.58
CA PRO A 241 15.09 3.00 -1.96
C PRO A 241 16.60 3.09 -2.14
N GLU A 242 17.23 3.96 -1.35
CA GLU A 242 18.67 4.17 -1.41
C GLU A 242 19.49 2.93 -1.07
N GLU A 243 18.81 1.89 -0.59
CA GLU A 243 19.48 0.64 -0.21
C GLU A 243 19.59 -0.35 -1.38
N LEU A 244 18.53 -0.40 -2.19
CA LEU A 244 18.44 -1.28 -3.34
C LEU A 244 19.72 -1.39 -4.19
N LYS A 245 20.36 -0.26 -4.48
CA LYS A 245 21.56 -0.23 -5.31
C LYS A 245 22.66 -1.22 -4.89
N HIS A 246 22.67 -1.58 -3.62
CA HIS A 246 23.67 -2.51 -3.09
C HIS A 246 23.30 -3.95 -3.42
N TYR A 247 22.18 -4.16 -4.08
CA TYR A 247 21.75 -5.50 -4.38
C TYR A 247 21.83 -5.84 -5.87
N PHE A 248 22.70 -5.10 -6.54
CA PHE A 248 22.97 -5.27 -7.96
C PHE A 248 24.50 -5.29 -8.09
N LYS A 249 25.11 -6.46 -7.85
CA LYS A 249 26.57 -6.61 -7.93
C LYS A 249 27.22 -5.52 -8.77
N GLU A 250 26.92 -5.53 -10.07
CA GLU A 250 27.47 -4.56 -11.02
C GLU A 250 27.67 -3.17 -10.44
N PHE A 251 26.69 -2.70 -9.68
CA PHE A 251 26.77 -1.38 -9.08
C PHE A 251 27.69 -1.49 -7.86
N GLY A 252 28.95 -1.08 -8.02
CA GLY A 252 29.88 -1.17 -6.91
C GLY A 252 31.24 -0.59 -7.28
N ASP A 253 31.92 -1.25 -8.21
CA ASP A 253 33.22 -0.80 -8.68
C ASP A 253 33.05 0.45 -9.53
N LYS A 254 31.80 0.85 -9.74
CA LYS A 254 31.48 2.03 -10.54
C LYS A 254 31.51 3.28 -9.64
N GLN A 255 32.12 4.36 -10.13
CA GLN A 255 32.21 5.61 -9.36
C GLN A 255 31.30 6.70 -9.92
N CYS A 256 30.53 7.29 -9.02
CA CYS A 256 29.58 8.35 -9.37
C CYS A 256 29.98 9.65 -8.65
N PHE A 257 29.77 10.77 -9.32
CA PHE A 257 30.11 12.08 -8.75
C PHE A 257 29.70 12.21 -7.30
N PHE A 258 28.38 12.22 -7.05
CA PHE A 258 27.86 12.39 -5.70
C PHE A 258 28.10 11.24 -4.72
N SER A 259 28.07 11.59 -3.43
CA SER A 259 28.24 10.63 -2.34
C SER A 259 26.94 9.85 -2.26
N ASP A 260 27.04 8.55 -2.49
CA ASP A 260 25.87 7.68 -2.49
C ASP A 260 24.85 8.18 -3.52
N CYS A 261 25.20 8.01 -4.79
CA CYS A 261 24.36 8.40 -5.89
C CYS A 261 23.46 7.20 -6.16
N ASN A 262 22.14 7.42 -6.20
CA ASN A 262 21.20 6.34 -6.44
C ASN A 262 21.16 5.87 -7.89
N HIS A 263 21.97 6.49 -8.74
CA HIS A 263 22.06 6.12 -10.15
C HIS A 263 20.83 6.39 -11.01
N VAL A 264 19.86 7.15 -10.51
CA VAL A 264 18.67 7.45 -11.29
C VAL A 264 18.82 8.78 -12.03
N ASP A 265 18.46 9.87 -11.37
CA ASP A 265 18.54 11.20 -11.93
C ASP A 265 19.90 11.87 -11.83
N GLU A 266 20.60 11.61 -10.73
CA GLU A 266 21.92 12.19 -10.49
C GLU A 266 22.78 12.53 -11.73
N PRO A 267 23.22 13.79 -11.79
CA PRO A 267 24.03 14.51 -12.79
C PRO A 267 25.19 13.76 -13.43
N GLU A 268 25.85 12.92 -12.65
CA GLU A 268 26.99 12.19 -13.18
C GLU A 268 26.98 10.86 -12.49
N CYS A 269 26.88 9.79 -13.26
CA CYS A 269 26.83 8.48 -12.65
C CYS A 269 27.67 7.44 -13.36
N GLY A 270 28.62 6.85 -12.65
CA GLY A 270 29.45 5.83 -13.28
C GLY A 270 28.60 4.66 -13.74
N VAL A 271 27.52 4.42 -13.00
CA VAL A 271 26.63 3.35 -13.34
C VAL A 271 25.89 3.74 -14.61
N LYS A 272 25.26 4.91 -14.63
CA LYS A 272 24.57 5.35 -15.84
C LYS A 272 25.54 5.39 -17.01
N GLU A 273 26.79 5.79 -16.75
CA GLU A 273 27.79 5.84 -17.80
C GLU A 273 28.02 4.43 -18.34
N ALA A 274 28.24 3.48 -17.44
CA ALA A 274 28.47 2.08 -17.79
C ALA A 274 27.39 1.47 -18.68
N VAL A 275 26.14 1.87 -18.44
CA VAL A 275 25.03 1.36 -19.23
C VAL A 275 25.10 1.85 -20.68
N GLU A 276 25.45 3.11 -20.86
CA GLU A 276 25.58 3.71 -22.19
C GLU A 276 26.72 3.01 -22.93
N ASN A 277 27.62 2.38 -22.18
CA ASN A 277 28.75 1.67 -22.77
C ASN A 277 28.32 0.26 -23.14
N GLY A 278 27.83 -0.47 -22.16
CA GLY A 278 27.41 -1.84 -22.40
C GLY A 278 28.10 -2.72 -21.37
N GLU A 279 28.74 -2.08 -20.40
CA GLU A 279 29.44 -2.78 -19.31
C GLU A 279 28.38 -3.29 -18.33
N ILE A 280 27.20 -2.68 -18.40
CA ILE A 280 26.06 -3.04 -17.56
C ILE A 280 24.88 -3.32 -18.49
N ALA A 281 24.28 -4.50 -18.39
CA ALA A 281 23.14 -4.82 -19.24
C ALA A 281 22.02 -3.81 -19.03
N GLU A 282 21.40 -3.36 -20.11
CA GLU A 282 20.31 -2.38 -19.99
C GLU A 282 19.19 -2.91 -19.08
N SER A 283 18.84 -4.18 -19.27
CA SER A 283 17.78 -4.81 -18.47
C SER A 283 18.04 -4.62 -17.01
N ARG A 284 19.29 -4.83 -16.61
CA ARG A 284 19.66 -4.68 -15.21
C ARG A 284 19.31 -3.28 -14.73
N TYR A 285 19.90 -2.28 -15.38
CA TYR A 285 19.64 -0.89 -15.00
C TYR A 285 18.13 -0.61 -14.94
N GLU A 286 17.46 -0.96 -16.03
CA GLU A 286 16.04 -0.78 -16.22
C GLU A 286 15.21 -1.30 -15.06
N ASN A 287 15.40 -2.57 -14.73
CA ASN A 287 14.66 -3.19 -13.65
C ASN A 287 15.00 -2.56 -12.29
N TYR A 288 16.28 -2.20 -12.11
CA TYR A 288 16.71 -1.57 -10.87
C TYR A 288 15.97 -0.24 -10.67
N VAL A 289 15.90 0.57 -11.73
CA VAL A 289 15.21 1.85 -11.64
C VAL A 289 13.72 1.64 -11.37
N LYS A 290 13.11 0.68 -12.06
CA LYS A 290 11.69 0.36 -11.88
C LYS A 290 11.49 0.02 -10.41
N MET A 291 12.32 -0.89 -9.90
CA MET A 291 12.23 -1.27 -8.49
C MET A 291 12.47 -0.08 -7.58
N PHE A 292 13.45 0.75 -7.93
CA PHE A 292 13.76 1.93 -7.14
C PHE A 292 12.47 2.71 -6.91
N TYR A 293 11.89 3.21 -8.00
CA TYR A 293 10.65 3.98 -7.90
C TYR A 293 9.51 3.25 -7.18
N GLU A 294 9.46 1.94 -7.33
CA GLU A 294 8.44 1.12 -6.68
C GLU A 294 8.59 1.19 -5.16
N LEU A 295 9.82 1.33 -4.69
CA LEU A 295 10.06 1.39 -3.25
C LEU A 295 9.78 2.78 -2.70
N LEU A 296 9.86 3.80 -3.56
CA LEU A 296 9.60 5.18 -3.12
C LEU A 296 8.16 5.43 -2.72
N GLY A 297 7.23 4.70 -3.36
CA GLY A 297 5.83 4.83 -3.04
C GLY A 297 5.56 4.20 -1.68
N ARG A 298 5.75 4.98 -0.63
CA ARG A 298 5.53 4.56 0.75
C ARG A 298 5.79 5.76 1.67
N ARG A 299 4.73 6.52 1.94
CA ARG A 299 4.80 7.70 2.78
C ARG A 299 5.70 8.76 2.16
N LEU B 9 -30.71 25.64 32.61
CA LEU B 9 -29.32 25.52 33.15
C LEU B 9 -28.64 24.27 32.55
N ARG B 10 -27.42 23.99 33.01
CA ARG B 10 -26.65 22.84 32.54
C ARG B 10 -27.44 21.54 32.49
N ARG B 11 -27.57 20.97 31.28
CA ARG B 11 -28.29 19.72 31.08
C ARG B 11 -27.45 18.78 30.21
N ARG B 12 -27.53 17.47 30.49
CA ARG B 12 -26.79 16.47 29.72
C ARG B 12 -27.61 16.03 28.51
N GLY B 13 -26.92 15.74 27.41
CA GLY B 13 -27.60 15.30 26.19
C GLY B 13 -26.70 14.52 25.28
N ILE B 14 -27.30 13.86 24.28
CA ILE B 14 -26.56 13.07 23.30
C ILE B 14 -26.53 13.79 21.95
N VAL B 15 -25.42 13.67 21.24
CA VAL B 15 -25.35 14.31 19.94
C VAL B 15 -25.93 13.37 18.91
N VAL B 16 -27.10 13.74 18.38
CA VAL B 16 -27.78 12.92 17.39
C VAL B 16 -27.40 13.20 15.94
N SER B 17 -27.09 14.46 15.61
CA SER B 17 -26.70 14.77 14.23
C SER B 17 -26.19 16.18 13.99
N PHE B 18 -25.52 16.35 12.85
CA PHE B 18 -24.98 17.64 12.45
C PHE B 18 -25.72 18.11 11.21
N HIS B 19 -26.91 18.67 11.42
CA HIS B 19 -27.72 19.17 10.32
C HIS B 19 -27.47 20.67 10.11
N SER B 20 -27.48 21.09 8.85
CA SER B 20 -27.26 22.48 8.46
C SER B 20 -26.14 23.16 9.25
N ASN B 21 -25.01 22.47 9.38
CA ASN B 21 -23.86 22.99 10.09
C ASN B 21 -24.12 23.34 11.55
N MET B 22 -25.08 22.65 12.16
CA MET B 22 -25.42 22.88 13.55
C MET B 22 -25.46 21.55 14.28
N VAL B 23 -25.17 21.57 15.59
CA VAL B 23 -25.18 20.34 16.35
C VAL B 23 -26.51 20.09 17.01
N THR B 24 -27.19 19.03 16.58
CA THR B 24 -28.48 18.70 17.12
C THR B 24 -28.24 17.72 18.26
N VAL B 25 -28.52 18.18 19.49
CA VAL B 25 -28.34 17.34 20.65
C VAL B 25 -29.72 16.94 21.16
N GLU B 26 -29.78 15.86 21.93
CA GLU B 26 -31.04 15.39 22.46
C GLU B 26 -30.95 15.31 23.97
N ASP B 27 -31.88 15.96 24.66
CA ASP B 27 -31.88 15.97 26.12
C ASP B 27 -31.90 14.57 26.71
N GLU B 28 -30.98 14.34 27.66
CA GLU B 28 -30.84 13.06 28.35
C GLU B 28 -32.09 12.74 29.15
N GLU B 29 -32.65 13.78 29.77
CA GLU B 29 -33.87 13.64 30.56
C GLU B 29 -34.98 13.50 29.52
N THR B 30 -36.23 13.76 29.89
CA THR B 30 -37.30 13.68 28.91
C THR B 30 -36.87 14.78 27.95
N GLY B 31 -36.31 14.38 26.81
CA GLY B 31 -35.83 15.39 25.90
C GLY B 31 -36.11 15.33 24.43
N GLU B 32 -36.26 16.52 23.88
CA GLU B 32 -36.52 16.72 22.47
C GLU B 32 -35.21 17.09 21.82
N ARG B 33 -35.21 17.02 20.51
CA ARG B 33 -34.04 17.34 19.73
C ARG B 33 -33.81 18.84 19.91
N ILE B 34 -32.76 19.21 20.63
CA ILE B 34 -32.44 20.61 20.81
C ILE B 34 -31.29 20.91 19.86
N LEU B 35 -31.44 21.96 19.07
CA LEU B 35 -30.38 22.34 18.14
C LEU B 35 -29.44 23.18 19.03
N CYS B 36 -28.13 22.97 18.92
CA CYS B 36 -27.19 23.72 19.75
C CYS B 36 -26.02 24.29 18.96
N LYS B 37 -25.52 25.43 19.41
CA LYS B 37 -24.38 26.04 18.75
C LYS B 37 -23.25 26.01 19.76
N LEU B 38 -22.37 25.03 19.63
CA LEU B 38 -21.24 24.92 20.53
C LEU B 38 -20.46 26.22 20.54
N ARG B 39 -20.08 26.65 21.74
CA ARG B 39 -19.32 27.88 21.91
C ARG B 39 -18.28 27.62 22.96
N GLY B 40 -17.40 28.59 23.17
CA GLY B 40 -16.38 28.43 24.16
C GLY B 40 -15.00 28.19 23.61
N LYS B 41 -14.26 27.33 24.28
CA LYS B 41 -12.90 27.04 23.88
C LYS B 41 -12.68 25.68 23.21
N PHE B 42 -13.59 25.30 22.32
CA PHE B 42 -13.45 24.04 21.59
C PHE B 42 -12.54 24.30 20.40
N ARG B 43 -12.38 25.58 20.09
CA ARG B 43 -11.54 26.03 18.98
C ARG B 43 -10.12 26.18 19.51
N LEU B 44 -10.00 26.83 20.66
CA LEU B 44 -8.70 27.05 21.30
C LEU B 44 -8.00 25.72 21.56
N GLN B 45 -8.78 24.68 21.84
CA GLN B 45 -8.25 23.34 22.05
C GLN B 45 -8.96 22.43 21.05
N ASN B 46 -8.17 21.67 20.30
CA ASN B 46 -8.71 20.76 19.29
C ASN B 46 -9.67 19.74 19.90
N LEU B 47 -10.51 20.21 20.81
CA LEU B 47 -11.49 19.34 21.42
C LEU B 47 -12.56 19.17 20.36
N LYS B 48 -12.62 17.98 19.78
CA LYS B 48 -13.60 17.72 18.74
C LYS B 48 -14.91 17.14 19.26
N ILE B 49 -15.96 17.31 18.46
CA ILE B 49 -17.28 16.82 18.83
C ILE B 49 -17.80 15.98 17.68
N TYR B 50 -18.47 14.88 17.99
CA TYR B 50 -19.00 14.00 16.96
C TYR B 50 -20.36 13.46 17.38
N VAL B 51 -21.05 12.85 16.43
CA VAL B 51 -22.35 12.26 16.70
C VAL B 51 -22.14 11.12 17.67
N GLY B 52 -22.97 11.03 18.69
CA GLY B 52 -22.82 9.96 19.64
C GLY B 52 -22.17 10.43 20.93
N ASP B 53 -21.45 11.55 20.85
CA ASP B 53 -20.80 12.15 22.00
C ASP B 53 -21.86 12.64 22.96
N ARG B 54 -21.57 12.54 24.26
CA ARG B 54 -22.49 13.03 25.28
C ARG B 54 -22.03 14.46 25.58
N VAL B 55 -22.97 15.35 25.92
CA VAL B 55 -22.60 16.74 26.22
C VAL B 55 -23.49 17.39 27.27
N GLU B 56 -23.04 18.52 27.78
CA GLU B 56 -23.79 19.28 28.77
C GLU B 56 -23.96 20.65 28.08
N TYR B 57 -25.17 21.20 28.11
CA TYR B 57 -25.40 22.47 27.43
C TYR B 57 -26.32 23.45 28.14
N THR B 58 -26.42 24.65 27.57
CA THR B 58 -27.26 25.72 28.09
C THR B 58 -28.54 25.81 27.25
N PRO B 59 -29.71 25.73 27.90
CA PRO B 59 -30.99 25.80 27.18
C PRO B 59 -31.60 27.19 27.08
N ASP B 60 -31.33 27.91 25.99
CA ASP B 60 -31.93 29.23 25.81
C ASP B 60 -33.08 29.06 24.83
N GLU B 61 -34.19 28.53 25.34
CA GLU B 61 -35.40 28.26 24.56
C GLU B 61 -35.69 29.23 23.42
N THR B 62 -35.26 30.49 23.54
CA THR B 62 -35.49 31.49 22.50
C THR B 62 -34.71 31.16 21.24
N GLY B 63 -34.74 29.88 20.86
CA GLY B 63 -34.04 29.45 19.67
C GLY B 63 -32.92 28.47 19.95
N SER B 64 -33.29 27.22 20.23
CA SER B 64 -32.33 26.14 20.48
C SER B 64 -31.62 26.16 21.84
N GLY B 65 -30.31 25.87 21.80
CA GLY B 65 -29.50 25.86 23.00
C GLY B 65 -28.03 26.11 22.69
N VAL B 66 -27.18 25.99 23.70
CA VAL B 66 -25.75 26.21 23.54
C VAL B 66 -24.91 25.16 24.25
N ILE B 67 -24.10 24.44 23.48
CA ILE B 67 -23.23 23.40 24.02
C ILE B 67 -22.04 24.01 24.76
N GLU B 68 -21.92 23.66 26.03
CA GLU B 68 -20.84 24.15 26.86
C GLU B 68 -19.66 23.19 26.90
N ASN B 69 -19.91 21.92 27.18
CA ASN B 69 -18.82 20.96 27.26
C ASN B 69 -19.17 19.56 26.70
N VAL B 70 -18.13 18.85 26.26
CA VAL B 70 -18.27 17.50 25.72
C VAL B 70 -17.63 16.51 26.70
N LEU B 71 -18.43 15.58 27.21
CA LEU B 71 -17.95 14.59 28.17
C LEU B 71 -16.93 13.63 27.56
N HIS B 72 -16.15 12.96 28.40
CA HIS B 72 -15.14 12.01 27.91
C HIS B 72 -15.79 10.82 27.22
N ARG B 73 -15.28 10.41 26.06
CA ARG B 73 -15.87 9.26 25.36
C ARG B 73 -15.22 7.89 25.62
N LYS B 74 -16.03 6.83 25.51
CA LYS B 74 -15.59 5.46 25.73
C LYS B 74 -14.84 4.92 24.52
N ASN B 75 -15.21 5.41 23.35
CA ASN B 75 -14.59 5.03 22.09
C ASN B 75 -15.06 5.99 21.00
N LEU B 76 -14.49 5.82 19.82
CA LEU B 76 -14.83 6.68 18.71
C LEU B 76 -14.53 5.93 17.41
N LEU B 77 -15.57 5.46 16.73
CA LEU B 77 -15.43 4.73 15.46
C LEU B 77 -14.77 5.54 14.37
N THR B 78 -13.94 4.85 13.60
CA THR B 78 -13.15 5.45 12.51
C THR B 78 -13.88 6.14 11.38
N LYS B 79 -14.20 5.39 10.33
CA LYS B 79 -14.83 5.98 9.16
C LYS B 79 -16.06 6.79 9.52
N PRO B 80 -17.28 6.24 9.36
CA PRO B 80 -18.29 7.21 9.78
C PRO B 80 -18.00 7.50 11.26
N HIS B 81 -17.43 8.66 11.53
CA HIS B 81 -17.10 9.05 12.89
C HIS B 81 -18.32 8.99 13.81
N VAL B 82 -18.30 8.05 14.76
CA VAL B 82 -19.37 7.92 15.73
C VAL B 82 -18.74 7.67 17.09
N ALA B 83 -19.18 8.41 18.10
CA ALA B 83 -18.60 8.27 19.43
C ALA B 83 -19.49 7.52 20.40
N ASN B 84 -18.86 6.86 21.37
CA ASN B 84 -19.58 6.13 22.40
C ASN B 84 -20.52 5.06 21.86
N VAL B 85 -20.01 4.21 20.99
CA VAL B 85 -20.80 3.14 20.42
C VAL B 85 -20.72 1.91 21.34
N ASP B 86 -21.84 1.21 21.52
CA ASP B 86 -21.87 0.02 22.37
C ASP B 86 -21.72 -1.28 21.60
N GLN B 87 -22.65 -1.55 20.69
CA GLN B 87 -22.59 -2.80 19.92
C GLN B 87 -22.51 -2.67 18.43
N VAL B 88 -22.14 -3.80 17.85
CA VAL B 88 -22.06 -3.99 16.43
C VAL B 88 -23.05 -5.12 16.20
N ILE B 89 -24.02 -4.90 15.32
CA ILE B 89 -24.97 -5.94 14.99
C ILE B 89 -24.36 -6.48 13.72
N LEU B 90 -23.62 -7.58 13.85
CA LEU B 90 -22.93 -8.16 12.71
C LEU B 90 -23.85 -9.07 11.93
N VAL B 91 -24.46 -8.54 10.87
CA VAL B 91 -25.38 -9.30 10.06
C VAL B 91 -24.63 -10.14 9.02
N VAL B 92 -24.77 -11.45 9.16
CA VAL B 92 -24.11 -12.39 8.29
C VAL B 92 -25.09 -13.24 7.50
N THR B 93 -24.69 -13.62 6.30
CA THR B 93 -25.50 -14.41 5.40
C THR B 93 -24.71 -15.63 4.93
N VAL B 94 -25.42 -16.70 4.55
CA VAL B 94 -24.71 -17.87 4.06
C VAL B 94 -25.04 -18.15 2.62
N LYS B 95 -26.07 -17.50 2.09
CA LYS B 95 -26.47 -17.77 0.71
C LYS B 95 -26.39 -16.62 -0.27
N MET B 96 -27.29 -15.65 -0.18
CA MET B 96 -27.24 -14.56 -1.14
C MET B 96 -25.95 -13.77 -1.00
N PRO B 97 -25.88 -12.78 -0.10
CA PRO B 97 -24.59 -12.10 -0.06
C PRO B 97 -23.45 -13.08 0.06
N GLU B 98 -23.60 -14.11 0.88
CA GLU B 98 -22.56 -15.13 1.09
C GLU B 98 -21.36 -14.59 1.87
N THR B 99 -21.45 -14.66 3.19
CA THR B 99 -20.40 -14.18 4.07
C THR B 99 -19.47 -15.32 4.50
N SER B 100 -18.25 -15.32 3.98
CA SER B 100 -17.28 -16.36 4.34
C SER B 100 -16.82 -16.15 5.79
N THR B 101 -16.36 -17.20 6.44
CA THR B 101 -15.91 -17.07 7.83
C THR B 101 -14.79 -16.04 7.91
N TYR B 102 -14.00 -15.92 6.84
CA TYR B 102 -12.93 -14.94 6.85
C TYR B 102 -13.54 -13.56 7.12
N ILE B 103 -14.44 -13.11 6.27
CA ILE B 103 -15.08 -11.82 6.46
C ILE B 103 -15.74 -11.71 7.82
N ILE B 104 -16.36 -12.78 8.28
CA ILE B 104 -17.02 -12.75 9.60
C ILE B 104 -15.98 -12.45 10.68
N ASP B 105 -14.88 -13.19 10.65
CA ASP B 105 -13.81 -12.99 11.63
C ASP B 105 -13.16 -11.61 11.50
N LYS B 106 -13.00 -11.11 10.28
CA LYS B 106 -12.40 -9.80 10.08
C LYS B 106 -13.33 -8.71 10.59
N PHE B 107 -14.62 -9.01 10.66
CA PHE B 107 -15.55 -8.04 11.18
C PHE B 107 -15.48 -8.10 12.71
N LEU B 108 -15.20 -9.29 13.25
CA LEU B 108 -15.11 -9.42 14.69
C LEU B 108 -13.83 -8.79 15.23
N VAL B 109 -12.75 -8.91 14.46
CA VAL B 109 -11.48 -8.32 14.86
C VAL B 109 -11.69 -6.82 15.03
N LEU B 110 -12.32 -6.18 14.05
CA LEU B 110 -12.57 -4.75 14.13
C LEU B 110 -13.46 -4.39 15.31
N ALA B 111 -14.40 -5.26 15.64
CA ALA B 111 -15.29 -4.99 16.76
C ALA B 111 -14.50 -5.07 18.06
N GLU B 112 -13.69 -6.12 18.17
CA GLU B 112 -12.87 -6.39 19.35
C GLU B 112 -11.82 -5.29 19.55
N LYS B 113 -11.30 -4.75 18.46
CA LYS B 113 -10.30 -3.71 18.49
C LYS B 113 -10.89 -2.38 18.93
N ASN B 114 -12.16 -2.18 18.57
CA ASN B 114 -12.83 -0.94 18.92
C ASN B 114 -13.57 -1.11 20.23
N GLU B 115 -13.23 -2.20 20.92
CA GLU B 115 -13.81 -2.55 22.21
C GLU B 115 -15.33 -2.43 22.20
N LEU B 116 -15.95 -3.19 21.31
CA LEU B 116 -17.40 -3.18 21.16
C LEU B 116 -18.07 -4.52 21.40
N GLU B 117 -19.32 -4.45 21.87
CA GLU B 117 -20.15 -5.62 22.12
C GLU B 117 -20.61 -6.12 20.75
N THR B 118 -20.80 -7.43 20.60
CA THR B 118 -21.24 -7.92 19.31
C THR B 118 -22.33 -8.96 19.35
N VAL B 119 -23.32 -8.75 18.48
CA VAL B 119 -24.44 -9.67 18.34
C VAL B 119 -24.40 -10.11 16.88
N MET B 120 -24.13 -11.38 16.65
CA MET B 120 -24.08 -11.88 15.29
C MET B 120 -25.54 -12.16 14.86
N VAL B 121 -25.93 -11.62 13.71
CA VAL B 121 -27.28 -11.81 13.21
C VAL B 121 -27.29 -12.56 11.87
N ILE B 122 -27.57 -13.87 11.92
CA ILE B 122 -27.64 -14.69 10.72
C ILE B 122 -28.99 -14.44 10.06
N ASN B 123 -29.00 -13.58 9.06
CA ASN B 123 -30.24 -13.19 8.36
C ASN B 123 -30.67 -14.10 7.19
N LYS B 124 -31.75 -13.71 6.54
CA LYS B 124 -32.30 -14.43 5.39
C LYS B 124 -32.58 -15.92 5.64
N MET B 125 -32.93 -16.25 6.89
CA MET B 125 -33.21 -17.64 7.28
C MET B 125 -34.32 -18.30 6.45
N ASP B 126 -35.22 -17.47 5.92
CA ASP B 126 -36.34 -17.95 5.11
C ASP B 126 -35.97 -18.34 3.69
N LEU B 127 -34.67 -18.32 3.36
CA LEU B 127 -34.23 -18.69 2.02
C LEU B 127 -33.39 -19.93 2.01
N TYR B 128 -33.19 -20.52 3.18
CA TYR B 128 -32.32 -21.68 3.27
C TYR B 128 -32.96 -23.05 3.07
N ASP B 129 -32.26 -23.90 2.34
CA ASP B 129 -32.72 -25.25 2.12
C ASP B 129 -32.01 -26.14 3.14
N GLU B 130 -31.90 -27.44 2.88
CA GLU B 130 -31.21 -28.28 3.84
C GLU B 130 -29.72 -28.02 3.91
N ASP B 131 -29.05 -28.04 2.77
CA ASP B 131 -27.61 -27.79 2.73
C ASP B 131 -27.35 -26.42 3.39
N ASP B 132 -28.14 -25.43 3.00
CA ASP B 132 -28.03 -24.09 3.54
C ASP B 132 -28.05 -24.04 5.06
N LEU B 133 -29.08 -24.63 5.65
CA LEU B 133 -29.21 -24.63 7.10
C LEU B 133 -28.04 -25.33 7.73
N ARG B 134 -27.57 -26.41 7.09
CA ARG B 134 -26.43 -27.15 7.60
C ARG B 134 -25.29 -26.17 7.86
N LYS B 135 -25.12 -25.22 6.96
CA LYS B 135 -24.07 -24.21 7.09
C LYS B 135 -24.40 -23.24 8.24
N VAL B 136 -25.68 -23.04 8.50
CA VAL B 136 -26.08 -22.17 9.61
C VAL B 136 -25.65 -22.85 10.90
N ARG B 137 -25.79 -24.17 10.94
CA ARG B 137 -25.39 -24.94 12.12
C ARG B 137 -23.89 -24.79 12.28
N GLU B 138 -23.15 -24.98 11.18
CA GLU B 138 -21.71 -24.86 11.22
C GLU B 138 -21.29 -23.51 11.78
N LEU B 139 -22.07 -22.47 11.48
CA LEU B 139 -21.75 -21.15 12.00
C LEU B 139 -22.01 -21.11 13.50
N GLU B 140 -23.14 -21.65 13.93
CA GLU B 140 -23.46 -21.68 15.35
C GLU B 140 -22.34 -22.47 16.02
N GLU B 141 -21.95 -23.56 15.37
CA GLU B 141 -20.89 -24.41 15.87
C GLU B 141 -19.69 -23.57 16.31
N ILE B 142 -19.14 -22.81 15.36
CA ILE B 142 -17.97 -21.97 15.57
C ILE B 142 -18.15 -20.81 16.54
N TYR B 143 -19.11 -19.95 16.26
CA TYR B 143 -19.33 -18.76 17.09
C TYR B 143 -20.24 -18.87 18.29
N SER B 144 -20.98 -19.98 18.39
CA SER B 144 -21.92 -20.19 19.48
C SER B 144 -21.41 -19.68 20.82
N GLY B 145 -20.31 -20.27 21.29
CA GLY B 145 -19.76 -19.87 22.58
C GLY B 145 -18.82 -18.68 22.58
N LEU B 146 -18.91 -17.82 21.58
CA LEU B 146 -18.03 -16.66 21.54
C LEU B 146 -18.86 -15.38 21.45
N TYR B 147 -20.01 -15.47 20.81
CA TYR B 147 -20.85 -14.30 20.65
C TYR B 147 -22.33 -14.68 20.62
N PRO B 148 -23.21 -13.74 21.00
CA PRO B 148 -24.65 -14.00 21.00
C PRO B 148 -25.04 -14.18 19.53
N ILE B 149 -26.02 -15.02 19.24
CA ILE B 149 -26.41 -15.26 17.85
C ILE B 149 -27.92 -15.37 17.69
N VAL B 150 -28.48 -14.63 16.73
CA VAL B 150 -29.92 -14.73 16.53
C VAL B 150 -30.21 -14.94 15.06
N LYS B 151 -31.06 -15.92 14.78
CA LYS B 151 -31.45 -16.22 13.41
C LYS B 151 -32.63 -15.32 13.08
N THR B 152 -32.64 -14.72 11.91
CA THR B 152 -33.75 -13.83 11.58
C THR B 152 -34.11 -13.79 10.11
N SER B 153 -35.13 -13.00 9.84
CA SER B 153 -35.59 -12.76 8.48
C SER B 153 -36.22 -11.40 8.43
N ALA B 154 -35.58 -10.46 7.73
CA ALA B 154 -36.13 -9.13 7.61
C ALA B 154 -37.49 -9.25 6.94
N LYS B 155 -37.69 -10.32 6.18
CA LYS B 155 -38.96 -10.57 5.48
C LYS B 155 -40.00 -11.16 6.42
N THR B 156 -39.78 -12.40 6.79
CA THR B 156 -40.65 -13.12 7.69
C THR B 156 -40.92 -12.27 8.93
N GLY B 157 -39.87 -12.03 9.70
CA GLY B 157 -39.99 -11.24 10.92
C GLY B 157 -39.29 -12.02 12.03
N MET B 158 -39.02 -13.28 11.72
CA MET B 158 -38.34 -14.19 12.63
C MET B 158 -37.15 -13.55 13.32
N GLY B 159 -37.09 -13.73 14.63
CA GLY B 159 -35.98 -13.18 15.41
C GLY B 159 -35.95 -11.67 15.64
N ILE B 160 -36.60 -10.89 14.78
CA ILE B 160 -36.60 -9.44 14.95
C ILE B 160 -36.89 -9.04 16.38
N GLU B 161 -37.84 -9.71 17.02
CA GLU B 161 -38.18 -9.37 18.39
C GLU B 161 -37.02 -9.73 19.31
N GLU B 162 -36.49 -10.94 19.17
CA GLU B 162 -35.38 -11.34 20.00
C GLU B 162 -34.27 -10.31 19.90
N LEU B 163 -34.14 -9.73 18.70
CA LEU B 163 -33.12 -8.72 18.43
C LEU B 163 -33.33 -7.44 19.23
N LYS B 164 -34.56 -6.94 19.23
CA LYS B 164 -34.87 -5.71 19.96
C LYS B 164 -34.33 -5.74 21.37
N GLU B 165 -34.34 -6.92 21.99
CA GLU B 165 -33.83 -7.03 23.35
C GLU B 165 -32.37 -6.62 23.43
N TYR B 166 -31.59 -6.96 22.40
CA TYR B 166 -30.17 -6.60 22.35
C TYR B 166 -29.97 -5.13 21.99
N LEU B 167 -30.95 -4.54 21.31
CA LEU B 167 -30.84 -3.15 20.90
C LEU B 167 -31.22 -2.16 21.98
N LYS B 168 -32.23 -2.52 22.78
CA LYS B 168 -32.74 -1.67 23.86
C LYS B 168 -31.68 -0.93 24.65
N GLY B 169 -31.86 0.38 24.76
CA GLY B 169 -30.97 1.23 25.55
C GLY B 169 -29.53 1.52 25.13
N LYS B 170 -28.98 0.74 24.22
CA LYS B 170 -27.61 0.97 23.80
C LYS B 170 -27.58 1.65 22.44
N ILE B 171 -26.42 2.21 22.09
CA ILE B 171 -26.21 2.84 20.79
C ILE B 171 -25.50 1.78 19.95
N SER B 172 -26.15 1.29 18.89
CA SER B 172 -25.55 0.24 18.06
C SER B 172 -25.19 0.67 16.64
N THR B 173 -24.34 -0.14 16.01
CA THR B 173 -23.93 0.08 14.62
C THR B 173 -24.07 -1.24 13.88
N MET B 174 -24.70 -1.16 12.71
CA MET B 174 -24.90 -2.33 11.86
C MET B 174 -23.64 -2.54 11.04
N ALA B 175 -23.37 -3.78 10.66
CA ALA B 175 -22.17 -4.04 9.89
C ALA B 175 -22.25 -5.38 9.18
N GLY B 176 -21.94 -5.35 7.88
CA GLY B 176 -21.97 -6.57 7.09
C GLY B 176 -21.97 -6.29 5.60
N LEU B 177 -21.56 -7.27 4.81
CA LEU B 177 -21.47 -7.12 3.35
C LEU B 177 -22.69 -6.48 2.66
N SER B 178 -22.45 -5.76 1.56
CA SER B 178 -23.57 -5.14 0.85
C SER B 178 -24.65 -6.18 0.61
N GLY B 179 -25.89 -5.81 0.92
CA GLY B 179 -27.02 -6.67 0.68
C GLY B 179 -27.27 -7.83 1.60
N VAL B 180 -26.60 -7.87 2.73
CA VAL B 180 -26.82 -8.96 3.65
C VAL B 180 -28.20 -8.81 4.30
N GLY B 181 -28.75 -7.60 4.23
CA GLY B 181 -30.06 -7.35 4.81
C GLY B 181 -30.06 -6.28 5.88
N LYS B 182 -28.98 -5.51 5.96
CA LYS B 182 -28.84 -4.47 6.97
C LYS B 182 -29.97 -3.47 6.99
N SER B 183 -30.34 -2.94 5.83
CA SER B 183 -31.41 -1.96 5.83
C SER B 183 -32.77 -2.60 6.07
N SER B 184 -32.99 -3.78 5.51
CA SER B 184 -34.26 -4.46 5.69
C SER B 184 -34.52 -4.73 7.17
N LEU B 185 -33.59 -5.41 7.84
CA LEU B 185 -33.71 -5.68 9.27
C LEU B 185 -34.12 -4.41 9.99
N LEU B 186 -33.36 -3.35 9.80
CA LEU B 186 -33.67 -2.09 10.44
C LEU B 186 -35.16 -1.72 10.26
N ASN B 187 -35.67 -1.86 9.04
CA ASN B 187 -37.07 -1.54 8.80
C ASN B 187 -38.00 -2.55 9.45
N ALA B 188 -37.49 -3.77 9.63
CA ALA B 188 -38.26 -4.83 10.27
C ALA B 188 -38.18 -4.70 11.79
N ILE B 189 -37.58 -3.62 12.27
CA ILE B 189 -37.46 -3.39 13.69
C ILE B 189 -38.30 -2.17 14.01
N ASN B 190 -38.08 -1.11 13.25
CA ASN B 190 -38.83 0.13 13.37
C ASN B 190 -39.21 0.52 11.95
N PRO B 191 -40.38 0.07 11.48
CA PRO B 191 -40.79 0.43 10.11
C PRO B 191 -40.53 1.91 9.81
N GLY B 192 -39.75 2.18 8.78
CA GLY B 192 -39.44 3.55 8.43
C GLY B 192 -37.96 3.86 8.54
N LEU B 193 -37.26 3.13 9.40
CA LEU B 193 -35.83 3.33 9.60
C LEU B 193 -35.05 2.75 8.43
N LYS B 194 -34.06 3.51 7.96
CA LYS B 194 -33.26 3.05 6.85
C LYS B 194 -31.86 3.63 6.83
N LEU B 195 -30.90 2.76 6.50
CA LEU B 195 -29.50 3.16 6.41
C LEU B 195 -29.31 4.07 5.18
N ARG B 196 -28.10 4.63 5.05
CA ARG B 196 -27.79 5.50 3.93
C ARG B 196 -27.18 4.73 2.76
N THR B 210 -21.65 18.35 2.36
CA THR B 210 -22.97 17.77 2.16
C THR B 210 -23.45 17.13 3.45
N THR B 211 -23.92 15.89 3.36
CA THR B 211 -24.41 15.16 4.53
C THR B 211 -23.76 13.78 4.60
N THR B 212 -22.45 13.78 4.79
CA THR B 212 -21.69 12.53 4.87
C THR B 212 -21.56 12.03 6.30
N THR B 213 -21.51 12.95 7.27
CA THR B 213 -21.40 12.55 8.67
C THR B 213 -22.63 11.74 9.03
N ALA B 214 -22.47 10.75 9.88
CA ALA B 214 -23.58 9.90 10.28
C ALA B 214 -24.64 10.68 11.08
N GLN B 215 -25.56 9.93 11.68
CA GLN B 215 -26.63 10.47 12.50
C GLN B 215 -27.06 9.33 13.38
N LEU B 216 -27.80 9.63 14.44
CA LEU B 216 -28.27 8.56 15.30
C LEU B 216 -29.78 8.43 15.17
N LEU B 217 -30.21 7.23 14.78
CA LEU B 217 -31.63 6.96 14.62
C LEU B 217 -32.20 6.32 15.89
N LYS B 218 -33.24 6.95 16.44
CA LYS B 218 -33.86 6.44 17.67
C LYS B 218 -34.90 5.34 17.48
N PHE B 219 -34.81 4.32 18.32
CA PHE B 219 -35.76 3.20 18.29
C PHE B 219 -36.96 3.51 19.20
N ASP B 220 -38.09 2.85 18.97
CA ASP B 220 -39.28 3.07 19.81
C ASP B 220 -38.89 2.69 21.24
N PHE B 221 -38.45 1.46 21.38
CA PHE B 221 -38.06 0.88 22.66
C PHE B 221 -36.83 1.50 23.29
N GLY B 222 -36.43 2.67 22.81
CA GLY B 222 -35.28 3.33 23.40
C GLY B 222 -33.95 2.71 23.02
N GLY B 223 -33.02 3.56 22.60
CA GLY B 223 -31.72 3.10 22.17
C GLY B 223 -31.49 3.65 20.79
N TYR B 224 -30.28 3.53 20.28
CA TYR B 224 -30.00 4.05 18.95
C TYR B 224 -29.20 3.11 18.09
N VAL B 225 -29.19 3.45 16.81
CA VAL B 225 -28.46 2.72 15.77
C VAL B 225 -27.95 3.80 14.83
N VAL B 226 -26.73 3.64 14.36
CA VAL B 226 -26.16 4.65 13.48
C VAL B 226 -26.72 4.70 12.07
N ASP B 227 -26.89 5.93 11.62
CA ASP B 227 -27.39 6.30 10.31
C ASP B 227 -26.76 5.51 9.15
N THR B 228 -25.51 5.10 9.31
CA THR B 228 -24.83 4.34 8.25
C THR B 228 -24.07 3.14 8.83
N PRO B 229 -23.77 2.13 7.99
CA PRO B 229 -23.06 0.92 8.40
C PRO B 229 -21.69 1.18 9.01
N GLY B 230 -21.21 0.17 9.73
CA GLY B 230 -19.92 0.25 10.38
C GLY B 230 -18.77 0.04 9.43
N PHE B 231 -17.81 -0.76 9.86
CA PHE B 231 -16.59 -1.07 9.14
C PHE B 231 -16.71 -1.46 7.63
N ALA B 232 -17.47 -0.68 6.87
CA ALA B 232 -17.67 -0.95 5.44
C ALA B 232 -16.36 -1.23 4.70
N ASN B 233 -15.44 -0.29 4.84
CA ASN B 233 -14.11 -0.35 4.23
C ASN B 233 -13.30 -1.58 4.64
N LEU B 234 -13.70 -2.23 5.75
CA LEU B 234 -12.99 -3.41 6.27
C LEU B 234 -11.48 -3.22 6.27
N GLU B 235 -11.03 -2.10 6.83
CA GLU B 235 -9.62 -1.78 6.90
C GLU B 235 -8.98 -2.31 8.20
N ILE B 236 -8.07 -3.26 8.03
CA ILE B 236 -7.34 -3.86 9.16
C ILE B 236 -5.89 -3.46 8.93
N ASN B 237 -5.60 -2.19 9.18
CA ASN B 237 -4.25 -1.70 8.95
C ASN B 237 -3.64 -1.09 10.19
N ASP B 238 -4.48 -0.54 11.05
CA ASP B 238 -3.97 0.04 12.27
C ASP B 238 -3.46 -1.10 13.12
N ILE B 239 -4.05 -2.28 12.96
CA ILE B 239 -3.65 -3.42 13.77
C ILE B 239 -2.24 -3.87 13.46
N GLU B 240 -1.43 -4.00 14.51
CA GLU B 240 -0.05 -4.45 14.36
C GLU B 240 -0.09 -5.98 14.44
N PRO B 241 0.75 -6.67 13.66
CA PRO B 241 0.77 -8.14 13.66
C PRO B 241 0.68 -8.80 15.04
N GLU B 242 1.59 -8.44 15.93
CA GLU B 242 1.59 -9.03 17.25
C GLU B 242 0.32 -8.69 18.03
N GLU B 243 -0.32 -7.59 17.66
CA GLU B 243 -1.55 -7.13 18.30
C GLU B 243 -2.82 -7.88 17.88
N LEU B 244 -2.80 -8.44 16.67
CA LEU B 244 -3.94 -9.15 16.10
C LEU B 244 -4.42 -10.34 16.94
N LYS B 245 -3.48 -11.05 17.55
CA LYS B 245 -3.81 -12.20 18.39
C LYS B 245 -4.75 -11.81 19.54
N HIS B 246 -4.73 -10.54 19.92
CA HIS B 246 -5.57 -10.08 21.02
C HIS B 246 -7.05 -9.96 20.68
N TYR B 247 -7.39 -10.02 19.40
CA TYR B 247 -8.80 -9.89 19.01
C TYR B 247 -9.51 -11.18 18.73
N PHE B 248 -8.90 -12.29 19.11
CA PHE B 248 -9.52 -13.60 18.97
C PHE B 248 -9.70 -14.17 20.38
N LYS B 249 -10.85 -13.86 21.00
CA LYS B 249 -11.21 -14.31 22.34
C LYS B 249 -10.64 -15.66 22.74
N GLU B 250 -10.93 -16.71 21.96
CA GLU B 250 -10.43 -18.04 22.29
C GLU B 250 -8.96 -18.03 22.64
N PHE B 251 -8.20 -17.12 22.03
CA PHE B 251 -6.78 -17.02 22.31
C PHE B 251 -6.66 -16.18 23.57
N GLY B 252 -6.31 -16.80 24.69
CA GLY B 252 -6.19 -16.05 25.93
C GLY B 252 -5.96 -16.98 27.10
N ASP B 253 -6.99 -17.76 27.43
CA ASP B 253 -6.89 -18.71 28.52
C ASP B 253 -5.84 -19.76 28.14
N LYS B 254 -5.45 -19.74 26.88
CA LYS B 254 -4.46 -20.69 26.38
C LYS B 254 -3.03 -20.35 26.80
N GLN B 255 -2.30 -21.38 27.25
CA GLN B 255 -0.92 -21.22 27.68
C GLN B 255 0.04 -21.59 26.56
N CYS B 256 0.98 -20.69 26.27
CA CYS B 256 1.96 -20.91 25.23
C CYS B 256 3.35 -20.79 25.83
N PHE B 257 4.31 -21.54 25.28
CA PHE B 257 5.69 -21.52 25.75
C PHE B 257 6.30 -20.13 25.75
N PHE B 258 6.60 -19.61 24.56
CA PHE B 258 7.20 -18.30 24.40
C PHE B 258 6.36 -17.11 24.90
N SER B 259 7.04 -16.06 25.32
CA SER B 259 6.37 -14.86 25.77
C SER B 259 5.75 -14.22 24.55
N ASP B 260 4.47 -13.88 24.62
CA ASP B 260 3.76 -13.28 23.50
C ASP B 260 3.97 -14.16 22.27
N CYS B 261 3.33 -15.33 22.30
CA CYS B 261 3.40 -16.29 21.20
C CYS B 261 2.41 -15.86 20.12
N ASN B 262 2.85 -15.84 18.87
CA ASN B 262 1.97 -15.44 17.77
C ASN B 262 1.05 -16.56 17.33
N HIS B 263 1.37 -17.78 17.75
CA HIS B 263 0.57 -18.96 17.42
C HIS B 263 0.71 -19.37 15.96
N VAL B 264 1.73 -18.86 15.29
CA VAL B 264 1.97 -19.16 13.89
C VAL B 264 2.96 -20.33 13.75
N ASP B 265 4.26 -20.03 13.71
CA ASP B 265 5.26 -21.09 13.58
C ASP B 265 5.80 -21.52 14.94
N GLU B 266 5.51 -20.74 15.98
CA GLU B 266 6.02 -21.04 17.30
C GLU B 266 6.00 -22.53 17.64
N PRO B 267 7.15 -23.06 18.05
CA PRO B 267 7.42 -24.45 18.43
C PRO B 267 6.34 -25.10 19.26
N GLU B 268 6.14 -24.59 20.47
CA GLU B 268 5.14 -25.13 21.40
C GLU B 268 4.04 -24.08 21.51
N CYS B 269 2.78 -24.49 21.49
CA CYS B 269 1.71 -23.49 21.57
C CYS B 269 0.37 -23.99 22.14
N GLY B 270 -0.24 -23.15 22.96
CA GLY B 270 -1.50 -23.52 23.58
C GLY B 270 -2.63 -23.38 22.59
N VAL B 271 -2.60 -22.33 21.79
CA VAL B 271 -3.61 -22.09 20.78
C VAL B 271 -3.58 -23.22 19.75
N LYS B 272 -2.46 -23.35 19.04
CA LYS B 272 -2.34 -24.40 18.04
C LYS B 272 -2.77 -25.75 18.62
N GLU B 273 -2.46 -25.96 19.90
CA GLU B 273 -2.82 -27.19 20.59
C GLU B 273 -4.35 -27.31 20.74
N ALA B 274 -4.99 -26.21 21.11
CA ALA B 274 -6.45 -26.18 21.27
C ALA B 274 -7.16 -26.31 19.92
N VAL B 275 -6.39 -26.24 18.85
CA VAL B 275 -6.93 -26.40 17.51
C VAL B 275 -6.86 -27.90 17.23
N GLU B 276 -5.74 -28.50 17.61
CA GLU B 276 -5.53 -29.94 17.42
C GLU B 276 -6.67 -30.69 18.12
N ASN B 277 -7.02 -30.21 19.32
CA ASN B 277 -8.07 -30.81 20.13
C ASN B 277 -9.44 -30.48 19.55
N GLY B 278 -9.66 -29.20 19.28
CA GLY B 278 -10.95 -28.83 18.73
C GLY B 278 -11.68 -27.90 19.66
N GLU B 279 -10.93 -27.25 20.53
CA GLU B 279 -11.49 -26.28 21.46
C GLU B 279 -11.54 -24.95 20.72
N ILE B 280 -10.67 -24.81 19.73
CA ILE B 280 -10.64 -23.61 18.89
C ILE B 280 -11.07 -24.09 17.51
N ALA B 281 -11.93 -23.32 16.85
CA ALA B 281 -12.41 -23.67 15.51
C ALA B 281 -11.26 -23.61 14.51
N GLU B 282 -11.23 -24.56 13.56
CA GLU B 282 -10.18 -24.55 12.56
C GLU B 282 -10.18 -23.22 11.81
N SER B 283 -11.37 -22.75 11.43
CA SER B 283 -11.46 -21.50 10.70
C SER B 283 -10.90 -20.34 11.51
N ARG B 284 -11.40 -20.13 12.73
CA ARG B 284 -10.93 -19.03 13.56
C ARG B 284 -9.42 -18.96 13.54
N TYR B 285 -8.79 -20.13 13.62
CA TYR B 285 -7.34 -20.20 13.59
C TYR B 285 -6.84 -19.83 12.19
N GLU B 286 -7.23 -20.61 11.19
CA GLU B 286 -6.82 -20.34 9.83
C GLU B 286 -7.00 -18.86 9.49
N ASN B 287 -8.13 -18.28 9.84
CA ASN B 287 -8.36 -16.88 9.53
C ASN B 287 -7.44 -15.95 10.29
N TYR B 288 -7.04 -16.36 11.49
CA TYR B 288 -6.13 -15.56 12.30
C TYR B 288 -4.82 -15.48 11.53
N VAL B 289 -4.35 -16.64 11.06
CA VAL B 289 -3.11 -16.73 10.32
C VAL B 289 -3.23 -15.90 9.04
N LYS B 290 -4.28 -16.14 8.27
CA LYS B 290 -4.46 -15.36 7.06
C LYS B 290 -4.28 -13.87 7.42
N MET B 291 -5.20 -13.32 8.19
CA MET B 291 -5.10 -11.93 8.57
C MET B 291 -3.71 -11.54 9.10
N PHE B 292 -3.09 -12.44 9.84
CA PHE B 292 -1.77 -12.14 10.41
C PHE B 292 -0.75 -11.73 9.35
N TYR B 293 -0.46 -12.66 8.46
CA TYR B 293 0.47 -12.47 7.37
C TYR B 293 0.12 -11.25 6.54
N GLU B 294 -1.17 -11.02 6.40
CA GLU B 294 -1.64 -9.87 5.65
C GLU B 294 -1.19 -8.62 6.35
N LEU B 295 -1.10 -8.68 7.68
CA LEU B 295 -0.65 -7.52 8.44
C LEU B 295 0.84 -7.28 8.31
N LEU B 296 1.61 -8.35 8.09
CA LEU B 296 3.05 -8.18 7.95
C LEU B 296 3.37 -7.25 6.78
N GLY B 297 2.48 -7.20 5.78
CA GLY B 297 2.71 -6.34 4.64
C GLY B 297 2.69 -4.86 4.99
N ARG B 298 3.86 -4.35 5.37
CA ARG B 298 4.04 -2.94 5.77
C ARG B 298 5.46 -2.70 6.26
N ARG B 299 6.32 -2.20 5.38
CA ARG B 299 7.73 -1.94 5.69
C ARG B 299 8.37 -3.15 6.37
N LEU C 9 34.99 34.15 -18.52
CA LEU C 9 34.55 34.64 -17.19
C LEU C 9 33.22 33.99 -16.81
N ARG C 10 32.61 34.49 -15.74
CA ARG C 10 31.34 33.97 -15.26
C ARG C 10 30.19 34.27 -16.23
N ARG C 11 29.31 33.28 -16.40
CA ARG C 11 28.17 33.43 -17.27
C ARG C 11 26.99 32.65 -16.67
N ARG C 12 25.79 33.19 -16.83
CA ARG C 12 24.61 32.52 -16.30
C ARG C 12 24.07 31.51 -17.31
N GLY C 13 23.50 30.42 -16.80
CA GLY C 13 22.95 29.40 -17.68
C GLY C 13 21.79 28.63 -17.08
N ILE C 14 21.13 27.86 -17.93
CA ILE C 14 19.99 27.04 -17.52
C ILE C 14 20.29 25.59 -17.87
N VAL C 15 19.99 24.69 -16.94
CA VAL C 15 20.23 23.27 -17.16
C VAL C 15 19.11 22.68 -18.02
N VAL C 16 19.41 22.40 -19.28
CA VAL C 16 18.41 21.85 -20.17
C VAL C 16 18.39 20.32 -20.15
N SER C 17 19.51 19.71 -19.80
CA SER C 17 19.57 18.25 -19.73
C SER C 17 20.89 17.68 -19.25
N PHE C 18 20.96 16.35 -19.24
CA PHE C 18 22.16 15.62 -18.83
C PHE C 18 22.50 14.66 -19.95
N HIS C 19 23.67 14.82 -20.55
CA HIS C 19 24.07 13.94 -21.62
C HIS C 19 25.47 13.37 -21.37
N SER C 20 25.68 12.14 -21.84
CA SER C 20 26.96 11.45 -21.68
C SER C 20 27.64 11.76 -20.36
N ASN C 21 26.88 11.70 -19.28
CA ASN C 21 27.42 11.97 -17.95
C ASN C 21 27.95 13.40 -17.84
N MET C 22 27.13 14.36 -18.24
CA MET C 22 27.51 15.77 -18.17
C MET C 22 26.27 16.63 -18.16
N VAL C 23 26.39 17.82 -17.62
CA VAL C 23 25.28 18.75 -17.55
C VAL C 23 25.33 19.59 -18.80
N THR C 24 24.19 19.81 -19.44
CA THR C 24 24.18 20.63 -20.63
C THR C 24 23.41 21.90 -20.33
N VAL C 25 24.11 23.02 -20.20
CA VAL C 25 23.45 24.28 -19.90
C VAL C 25 23.44 25.23 -21.10
N GLU C 26 22.36 26.00 -21.18
CA GLU C 26 22.18 26.98 -22.24
C GLU C 26 22.55 28.34 -21.68
N ASP C 27 23.45 29.04 -22.38
CA ASP C 27 23.90 30.37 -21.96
C ASP C 27 22.71 31.34 -21.90
N GLU C 28 22.50 31.95 -20.73
CA GLU C 28 21.40 32.88 -20.53
C GLU C 28 21.30 33.91 -21.65
N GLU C 29 22.44 34.47 -22.05
CA GLU C 29 22.48 35.44 -23.13
C GLU C 29 22.13 34.66 -24.38
N THR C 30 22.54 35.14 -25.56
CA THR C 30 22.26 34.41 -26.78
C THR C 30 23.13 33.16 -26.64
N GLY C 31 22.66 32.25 -25.80
CA GLY C 31 23.44 31.05 -25.55
C GLY C 31 23.10 29.79 -26.30
N GLU C 32 24.12 29.24 -26.93
CA GLU C 32 23.98 27.99 -27.65
C GLU C 32 24.00 26.93 -26.56
N ARG C 33 24.17 25.68 -26.96
CA ARG C 33 24.18 24.60 -26.00
C ARG C 33 25.61 24.36 -25.52
N ILE C 34 25.95 24.93 -24.36
CA ILE C 34 27.28 24.78 -23.82
C ILE C 34 27.33 23.62 -22.83
N LEU C 35 27.95 22.53 -23.26
CA LEU C 35 28.10 21.35 -22.42
C LEU C 35 28.99 21.75 -21.24
N CYS C 36 28.69 21.27 -20.04
CA CYS C 36 29.49 21.60 -18.87
C CYS C 36 29.95 20.35 -18.15
N LYS C 37 30.36 20.52 -16.88
CA LYS C 37 30.83 19.40 -16.07
C LYS C 37 31.08 19.89 -14.65
N LEU C 38 30.02 20.25 -13.94
CA LEU C 38 30.12 20.76 -12.58
C LEU C 38 31.42 20.47 -11.84
N ARG C 39 32.20 21.52 -11.61
CA ARG C 39 33.46 21.40 -10.89
C ARG C 39 33.15 21.98 -9.53
N GLY C 40 33.20 21.16 -8.49
CA GLY C 40 32.91 21.76 -7.21
C GLY C 40 32.92 20.95 -5.94
N LYS C 41 32.62 21.68 -4.87
CA LYS C 41 32.54 21.09 -3.55
C LYS C 41 31.11 20.56 -3.52
N PHE C 42 30.51 20.50 -4.70
CA PHE C 42 29.17 19.97 -4.86
C PHE C 42 29.26 18.58 -4.26
N ARG C 43 30.39 17.94 -4.53
CA ARG C 43 30.66 16.60 -4.02
C ARG C 43 30.72 16.76 -2.49
N LEU C 44 31.50 17.74 -2.03
CA LEU C 44 31.66 18.04 -0.60
C LEU C 44 30.30 18.24 0.05
N GLN C 45 29.74 19.44 -0.07
CA GLN C 45 28.39 19.65 0.49
C GLN C 45 27.55 18.75 -0.40
N ASN C 46 26.25 18.68 -0.18
CA ASN C 46 25.47 17.80 -1.04
C ASN C 46 24.59 18.54 -2.04
N LEU C 47 25.05 19.72 -2.45
CA LEU C 47 24.31 20.52 -3.42
C LEU C 47 24.03 19.68 -4.67
N LYS C 48 22.76 19.48 -4.98
CA LYS C 48 22.38 18.70 -6.16
C LYS C 48 22.01 19.61 -7.32
N ILE C 49 22.05 19.07 -8.53
CA ILE C 49 21.70 19.87 -9.70
C ILE C 49 20.65 19.11 -10.52
N TYR C 50 19.57 19.80 -10.86
CA TYR C 50 18.52 19.17 -11.64
C TYR C 50 18.22 20.00 -12.87
N VAL C 51 17.67 19.37 -13.90
CA VAL C 51 17.32 20.09 -15.10
C VAL C 51 16.40 21.24 -14.70
N GLY C 52 16.49 22.35 -15.41
CA GLY C 52 15.66 23.50 -15.10
C GLY C 52 16.25 24.40 -14.04
N ASP C 53 17.36 23.98 -13.44
CA ASP C 53 18.02 24.76 -12.41
C ASP C 53 18.75 25.95 -13.04
N ARG C 54 18.92 27.01 -12.26
CA ARG C 54 19.62 28.21 -12.71
C ARG C 54 21.03 28.16 -12.12
N VAL C 55 22.06 28.30 -12.97
CA VAL C 55 23.44 28.24 -12.48
C VAL C 55 24.41 29.15 -13.22
N GLU C 56 25.67 29.15 -12.78
CA GLU C 56 26.73 29.95 -13.39
C GLU C 56 27.96 29.06 -13.65
N TYR C 57 28.47 29.11 -14.88
CA TYR C 57 29.62 28.30 -15.28
C TYR C 57 30.83 29.17 -15.67
N THR C 58 31.73 28.61 -16.47
CA THR C 58 32.92 29.33 -16.94
C THR C 58 33.37 28.80 -18.31
N PRO C 59 32.97 29.48 -19.39
CA PRO C 59 33.26 29.16 -20.79
C PRO C 59 34.71 29.10 -21.27
N ASP C 60 35.30 27.92 -21.22
CA ASP C 60 36.67 27.74 -21.70
C ASP C 60 36.52 27.16 -23.10
N GLU C 61 35.83 27.92 -23.95
CA GLU C 61 35.52 27.57 -25.34
C GLU C 61 36.33 26.43 -25.96
N THR C 62 37.63 26.39 -25.66
CA THR C 62 38.50 25.35 -26.19
C THR C 62 38.01 23.95 -25.78
N GLY C 63 36.86 23.90 -25.13
CA GLY C 63 36.31 22.64 -24.70
C GLY C 63 35.13 22.76 -23.75
N SER C 64 33.96 23.11 -24.29
CA SER C 64 32.74 23.26 -23.51
C SER C 64 32.79 24.31 -22.40
N GLY C 65 32.46 23.90 -21.18
CA GLY C 65 32.46 24.79 -20.02
C GLY C 65 32.52 24.04 -18.70
N VAL C 66 32.37 24.75 -17.59
CA VAL C 66 32.44 24.11 -16.27
C VAL C 66 31.60 24.80 -15.17
N ILE C 67 30.44 24.22 -14.84
CA ILE C 67 29.55 24.79 -13.82
C ILE C 67 30.29 25.12 -12.53
N GLU C 68 29.97 26.28 -11.96
CA GLU C 68 30.60 26.75 -10.73
C GLU C 68 29.69 26.75 -9.52
N ASN C 69 28.50 27.30 -9.68
CA ASN C 69 27.59 27.37 -8.56
C ASN C 69 26.11 27.29 -8.97
N VAL C 70 25.30 26.72 -8.10
CA VAL C 70 23.87 26.58 -8.37
C VAL C 70 23.04 27.49 -7.48
N LEU C 71 22.23 28.34 -8.11
CA LEU C 71 21.39 29.29 -7.41
C LEU C 71 20.19 28.60 -6.76
N HIS C 72 19.49 29.32 -5.89
CA HIS C 72 18.35 28.76 -5.16
C HIS C 72 17.10 28.50 -5.99
N ARG C 73 16.62 27.25 -5.92
CA ARG C 73 15.45 26.79 -6.66
C ARG C 73 14.14 27.24 -6.05
N LYS C 74 13.24 27.79 -6.86
CA LYS C 74 11.93 28.24 -6.40
C LYS C 74 11.03 27.05 -6.03
N ASN C 75 11.22 25.94 -6.74
CA ASN C 75 10.47 24.70 -6.53
C ASN C 75 11.19 23.54 -7.22
N LEU C 76 10.93 22.32 -6.77
CA LEU C 76 11.56 21.14 -7.37
C LEU C 76 10.56 19.98 -7.47
N LEU C 77 10.33 19.50 -8.68
CA LEU C 77 9.37 18.41 -8.89
C LEU C 77 10.02 17.04 -8.71
N THR C 78 9.25 16.13 -8.11
CA THR C 78 9.70 14.76 -7.81
C THR C 78 10.02 13.88 -9.00
N LYS C 79 9.29 12.77 -9.15
CA LYS C 79 9.53 11.80 -10.21
C LYS C 79 10.52 12.32 -11.25
N PRO C 80 10.06 12.83 -12.40
CA PRO C 80 11.20 13.27 -13.22
C PRO C 80 11.66 14.59 -12.59
N HIS C 81 12.82 14.57 -11.95
CA HIS C 81 13.34 15.75 -11.28
C HIS C 81 13.57 16.91 -12.21
N VAL C 82 12.75 17.94 -12.04
CA VAL C 82 12.85 19.18 -12.81
C VAL C 82 12.61 20.30 -11.83
N ALA C 83 13.47 21.31 -11.84
CA ALA C 83 13.35 22.43 -10.91
C ALA C 83 13.00 23.73 -11.60
N ASN C 84 12.45 24.68 -10.84
CA ASN C 84 12.07 25.99 -11.36
C ASN C 84 10.99 25.90 -12.45
N VAL C 85 9.90 25.24 -12.13
CA VAL C 85 8.82 25.11 -13.09
C VAL C 85 7.78 26.17 -12.82
N ASP C 86 7.26 26.79 -13.87
CA ASP C 86 6.28 27.84 -13.70
C ASP C 86 4.86 27.34 -13.84
N GLN C 87 4.60 26.61 -14.93
CA GLN C 87 3.25 26.11 -15.16
C GLN C 87 3.11 24.64 -15.41
N VAL C 88 1.87 24.20 -15.27
CA VAL C 88 1.49 22.84 -15.54
C VAL C 88 0.41 23.05 -16.58
N ILE C 89 0.50 22.33 -17.70
CA ILE C 89 -0.54 22.43 -18.70
C ILE C 89 -1.33 21.14 -18.49
N LEU C 90 -2.36 21.24 -17.67
CA LEU C 90 -3.20 20.11 -17.36
C LEU C 90 -4.12 19.85 -18.54
N VAL C 91 -3.80 18.83 -19.31
CA VAL C 91 -4.57 18.42 -20.49
C VAL C 91 -5.66 17.42 -20.07
N VAL C 92 -6.88 17.92 -19.94
CA VAL C 92 -8.02 17.12 -19.55
C VAL C 92 -8.85 16.66 -20.75
N THR C 93 -9.47 15.48 -20.62
CA THR C 93 -10.29 14.92 -21.69
C THR C 93 -11.61 14.42 -21.11
N VAL C 94 -12.71 14.51 -21.86
CA VAL C 94 -14.01 14.04 -21.35
C VAL C 94 -14.43 12.72 -22.00
N LYS C 95 -13.97 12.51 -23.24
CA LYS C 95 -14.35 11.31 -23.96
C LYS C 95 -13.28 10.25 -23.92
N MET C 96 -12.64 10.00 -25.06
CA MET C 96 -11.64 8.94 -25.16
C MET C 96 -10.93 8.61 -23.85
N PRO C 97 -9.84 9.31 -23.49
CA PRO C 97 -9.26 8.87 -22.21
C PRO C 97 -10.26 8.89 -21.04
N GLU C 98 -11.22 9.80 -21.08
CA GLU C 98 -12.25 9.89 -20.03
C GLU C 98 -11.62 10.31 -18.70
N THR C 99 -11.54 11.62 -18.47
CA THR C 99 -10.93 12.13 -17.24
C THR C 99 -11.94 12.59 -16.21
N SER C 100 -12.09 11.84 -15.13
CA SER C 100 -13.03 12.22 -14.08
C SER C 100 -12.60 13.52 -13.44
N THR C 101 -13.48 14.17 -12.67
CA THR C 101 -13.12 15.41 -12.01
C THR C 101 -12.23 15.04 -10.83
N TYR C 102 -12.23 13.76 -10.50
CA TYR C 102 -11.40 13.28 -9.43
C TYR C 102 -9.94 13.32 -9.89
N ILE C 103 -9.64 12.85 -11.08
CA ILE C 103 -8.26 12.91 -11.52
C ILE C 103 -7.82 14.35 -11.73
N ILE C 104 -8.73 15.20 -12.20
CA ILE C 104 -8.42 16.60 -12.43
C ILE C 104 -7.99 17.25 -11.11
N ASP C 105 -8.81 17.09 -10.08
CA ASP C 105 -8.54 17.66 -8.75
C ASP C 105 -7.22 17.18 -8.15
N LYS C 106 -6.87 15.91 -8.34
CA LYS C 106 -5.62 15.37 -7.82
C LYS C 106 -4.43 16.06 -8.52
N PHE C 107 -4.54 16.25 -9.83
CA PHE C 107 -3.50 16.95 -10.58
C PHE C 107 -3.44 18.40 -10.06
N LEU C 108 -4.61 19.01 -9.85
CA LEU C 108 -4.62 20.37 -9.36
C LEU C 108 -3.96 20.44 -7.99
N VAL C 109 -4.31 19.50 -7.12
CA VAL C 109 -3.73 19.41 -5.79
C VAL C 109 -2.20 19.43 -5.91
N LEU C 110 -1.67 18.55 -6.74
CA LEU C 110 -0.22 18.47 -6.93
C LEU C 110 0.36 19.72 -7.58
N ALA C 111 -0.49 20.45 -8.31
CA ALA C 111 -0.05 21.66 -8.98
C ALA C 111 0.17 22.71 -7.90
N GLU C 112 -0.82 22.85 -7.05
CA GLU C 112 -0.78 23.82 -5.96
C GLU C 112 0.31 23.49 -4.94
N LYS C 113 0.41 22.23 -4.54
CA LYS C 113 1.44 21.85 -3.56
C LYS C 113 2.82 22.29 -4.02
N ASN C 114 3.09 22.17 -5.32
CA ASN C 114 4.38 22.57 -5.84
C ASN C 114 4.40 24.01 -6.30
N GLU C 115 3.41 24.77 -5.82
CA GLU C 115 3.29 26.18 -6.13
C GLU C 115 3.48 26.42 -7.62
N LEU C 116 2.51 25.97 -8.40
CA LEU C 116 2.54 26.11 -9.86
C LEU C 116 1.27 26.71 -10.47
N GLU C 117 1.46 27.43 -11.56
CA GLU C 117 0.38 28.05 -12.32
C GLU C 117 -0.22 26.93 -13.17
N THR C 118 -1.54 26.92 -13.30
CA THR C 118 -2.15 25.86 -14.09
C THR C 118 -3.11 26.35 -15.17
N VAL C 119 -2.86 25.91 -16.39
CA VAL C 119 -3.72 26.20 -17.54
C VAL C 119 -4.43 24.88 -17.84
N MET C 120 -5.74 24.84 -17.67
CA MET C 120 -6.49 23.62 -17.97
C MET C 120 -6.77 23.59 -19.48
N VAL C 121 -6.55 22.45 -20.11
CA VAL C 121 -6.77 22.31 -21.55
C VAL C 121 -7.69 21.13 -21.89
N ILE C 122 -8.93 21.43 -22.28
CA ILE C 122 -9.89 20.40 -22.65
C ILE C 122 -9.59 20.10 -24.11
N ASN C 123 -8.89 19.00 -24.38
CA ASN C 123 -8.51 18.63 -25.73
C ASN C 123 -9.47 17.64 -26.40
N LYS C 124 -9.19 17.33 -27.66
CA LYS C 124 -10.01 16.38 -28.43
C LYS C 124 -11.43 16.90 -28.66
N MET C 125 -11.59 18.21 -28.70
CA MET C 125 -12.91 18.83 -28.90
C MET C 125 -13.63 18.28 -30.14
N ASP C 126 -12.87 17.87 -31.14
CA ASP C 126 -13.43 17.35 -32.38
C ASP C 126 -14.17 16.01 -32.25
N LEU C 127 -14.06 15.36 -31.09
CA LEU C 127 -14.72 14.08 -30.88
C LEU C 127 -15.98 14.25 -30.05
N TYR C 128 -16.26 15.47 -29.65
CA TYR C 128 -17.41 15.71 -28.80
C TYR C 128 -18.72 15.98 -29.53
N ASP C 129 -19.79 15.46 -28.94
CA ASP C 129 -21.14 15.63 -29.45
C ASP C 129 -21.92 16.41 -28.39
N GLU C 130 -23.22 16.59 -28.61
CA GLU C 130 -24.04 17.34 -27.67
C GLU C 130 -23.80 16.94 -26.23
N ASP C 131 -23.78 15.64 -25.97
CA ASP C 131 -23.57 15.12 -24.63
C ASP C 131 -22.22 15.58 -24.08
N ASP C 132 -21.14 15.17 -24.74
CA ASP C 132 -19.80 15.54 -24.33
C ASP C 132 -19.71 17.04 -24.10
N LEU C 133 -20.31 17.81 -25.00
CA LEU C 133 -20.31 19.25 -24.88
C LEU C 133 -20.99 19.70 -23.60
N ARG C 134 -22.02 18.95 -23.21
CA ARG C 134 -22.73 19.27 -21.98
C ARG C 134 -21.68 19.15 -20.89
N LYS C 135 -20.95 18.03 -20.90
CA LYS C 135 -19.90 17.81 -19.92
C LYS C 135 -18.84 18.91 -19.99
N VAL C 136 -18.37 19.23 -21.20
CA VAL C 136 -17.37 20.28 -21.37
C VAL C 136 -17.83 21.58 -20.69
N ARG C 137 -19.14 21.81 -20.70
CA ARG C 137 -19.69 22.99 -20.06
C ARG C 137 -19.57 22.86 -18.54
N GLU C 138 -19.89 21.67 -18.02
CA GLU C 138 -19.79 21.38 -16.59
C GLU C 138 -18.40 21.70 -16.06
N LEU C 139 -17.37 21.29 -16.80
CA LEU C 139 -15.99 21.56 -16.43
C LEU C 139 -15.71 23.05 -16.35
N GLU C 140 -16.18 23.81 -17.33
CA GLU C 140 -15.98 25.25 -17.31
C GLU C 140 -16.69 25.78 -16.09
N GLU C 141 -17.92 25.33 -15.88
CA GLU C 141 -18.73 25.73 -14.73
C GLU C 141 -18.01 25.51 -13.40
N ILE C 142 -17.30 24.39 -13.32
CA ILE C 142 -16.56 24.03 -12.11
C ILE C 142 -15.23 24.78 -12.00
N TYR C 143 -14.42 24.69 -13.05
CA TYR C 143 -13.10 25.30 -13.04
C TYR C 143 -12.92 26.69 -13.60
N SER C 144 -13.89 27.17 -14.38
CA SER C 144 -13.81 28.49 -15.00
C SER C 144 -13.20 29.59 -14.15
N GLY C 145 -13.72 29.78 -12.95
CA GLY C 145 -13.20 30.82 -12.08
C GLY C 145 -12.01 30.43 -11.22
N LEU C 146 -11.49 29.22 -11.41
CA LEU C 146 -10.36 28.74 -10.64
C LEU C 146 -9.08 28.70 -11.45
N TYR C 147 -9.19 28.34 -12.72
CA TYR C 147 -8.02 28.26 -13.59
C TYR C 147 -8.33 28.61 -15.04
N PRO C 148 -7.31 29.06 -15.78
CA PRO C 148 -7.45 29.43 -17.18
C PRO C 148 -7.75 28.15 -17.97
N ILE C 149 -8.71 28.21 -18.89
CA ILE C 149 -9.03 27.03 -19.68
C ILE C 149 -8.94 27.31 -21.18
N VAL C 150 -8.56 26.30 -21.96
CA VAL C 150 -8.49 26.49 -23.41
C VAL C 150 -8.91 25.20 -24.09
N LYS C 151 -9.99 25.28 -24.86
CA LYS C 151 -10.51 24.14 -25.58
C LYS C 151 -9.59 23.98 -26.79
N THR C 152 -9.35 22.74 -27.19
CA THR C 152 -8.46 22.50 -28.32
C THR C 152 -8.71 21.18 -29.05
N SER C 153 -7.95 20.98 -30.11
CA SER C 153 -7.99 19.76 -30.92
C SER C 153 -6.70 19.72 -31.72
N ALA C 154 -5.79 18.83 -31.32
CA ALA C 154 -4.50 18.69 -31.99
C ALA C 154 -4.67 18.31 -33.45
N LYS C 155 -5.88 17.90 -33.84
CA LYS C 155 -6.12 17.55 -35.23
C LYS C 155 -6.59 18.80 -35.96
N THR C 156 -7.77 19.27 -35.59
CA THR C 156 -8.38 20.47 -36.14
C THR C 156 -7.49 21.72 -36.11
N GLY C 157 -6.82 21.92 -34.98
CA GLY C 157 -5.95 23.09 -34.83
C GLY C 157 -6.49 24.07 -33.78
N MET C 158 -7.75 23.84 -33.39
CA MET C 158 -8.44 24.67 -32.41
C MET C 158 -7.66 24.84 -31.11
N GLY C 159 -7.58 26.08 -30.65
CA GLY C 159 -6.90 26.38 -29.41
C GLY C 159 -5.38 26.42 -29.43
N ILE C 160 -4.77 25.72 -30.37
CA ILE C 160 -3.32 25.69 -30.43
C ILE C 160 -2.75 27.08 -30.30
N GLU C 161 -3.25 28.02 -31.09
CA GLU C 161 -2.74 29.37 -31.06
C GLU C 161 -2.95 30.03 -29.70
N GLU C 162 -4.18 29.98 -29.20
CA GLU C 162 -4.50 30.56 -27.91
C GLU C 162 -3.61 29.93 -26.84
N LEU C 163 -3.32 28.64 -27.00
CA LEU C 163 -2.49 27.91 -26.05
C LEU C 163 -1.05 28.40 -26.05
N LYS C 164 -0.55 28.77 -27.22
CA LYS C 164 0.81 29.24 -27.34
C LYS C 164 1.02 30.48 -26.46
N GLU C 165 -0.06 31.19 -26.19
CA GLU C 165 0.03 32.39 -25.37
C GLU C 165 0.40 32.18 -23.91
N TYR C 166 0.12 30.99 -23.37
CA TYR C 166 0.46 30.72 -21.98
C TYR C 166 1.83 30.06 -21.91
N LEU C 167 2.34 29.64 -23.07
CA LEU C 167 3.63 28.97 -23.13
C LEU C 167 4.81 29.92 -23.27
N LYS C 168 4.59 31.08 -23.87
CA LYS C 168 5.64 32.08 -24.10
C LYS C 168 6.40 32.55 -22.85
N GLY C 169 7.73 32.56 -22.99
CA GLY C 169 8.62 33.00 -21.92
C GLY C 169 8.52 32.30 -20.58
N LYS C 170 7.89 31.12 -20.57
CA LYS C 170 7.75 30.38 -19.32
C LYS C 170 8.24 28.94 -19.46
N ILE C 171 8.43 28.29 -18.31
CA ILE C 171 8.83 26.89 -18.27
C ILE C 171 7.66 26.07 -17.77
N SER C 172 7.01 25.37 -18.69
CA SER C 172 5.84 24.58 -18.34
C SER C 172 6.11 23.08 -18.29
N THR C 173 5.19 22.35 -17.68
CA THR C 173 5.28 20.92 -17.59
C THR C 173 3.91 20.43 -18.04
N MET C 174 3.86 19.41 -18.88
CA MET C 174 2.57 18.90 -19.32
C MET C 174 2.09 17.77 -18.41
N ALA C 175 0.78 17.72 -18.18
CA ALA C 175 0.21 16.69 -17.31
C ALA C 175 -1.14 16.16 -17.80
N GLY C 176 -1.56 15.02 -17.27
CA GLY C 176 -2.83 14.43 -17.65
C GLY C 176 -2.69 12.97 -18.05
N LEU C 177 -3.74 12.18 -17.79
CA LEU C 177 -3.76 10.77 -18.12
C LEU C 177 -3.19 10.50 -19.51
N SER C 178 -2.53 9.36 -19.71
CA SER C 178 -1.94 9.08 -21.02
C SER C 178 -2.97 8.96 -22.15
N GLY C 179 -2.53 9.21 -23.39
CA GLY C 179 -3.42 9.13 -24.55
C GLY C 179 -4.43 10.24 -24.56
N VAL C 180 -4.22 11.20 -23.67
CA VAL C 180 -5.09 12.33 -23.50
C VAL C 180 -4.72 13.43 -24.52
N GLY C 181 -3.57 13.26 -25.18
CA GLY C 181 -3.15 14.22 -26.18
C GLY C 181 -1.89 15.05 -25.90
N LYS C 182 -1.37 14.97 -24.68
CA LYS C 182 -0.19 15.72 -24.29
C LYS C 182 0.87 15.81 -25.37
N SER C 183 1.26 14.68 -25.93
CA SER C 183 2.29 14.66 -26.96
C SER C 183 1.83 15.23 -28.29
N SER C 184 0.56 15.02 -28.60
CA SER C 184 0.00 15.52 -29.85
C SER C 184 -0.10 17.05 -29.79
N LEU C 185 -0.59 17.56 -28.68
CA LEU C 185 -0.72 19.00 -28.50
C LEU C 185 0.63 19.66 -28.69
N LEU C 186 1.69 18.96 -28.33
CA LEU C 186 3.02 19.51 -28.49
C LEU C 186 3.40 19.62 -29.97
N ASN C 187 3.25 18.52 -30.69
CA ASN C 187 3.60 18.52 -32.10
C ASN C 187 2.73 19.49 -32.91
N ALA C 188 1.60 19.88 -32.33
CA ALA C 188 0.71 20.81 -32.99
C ALA C 188 1.20 22.23 -32.74
N ILE C 189 2.00 22.37 -31.69
CA ILE C 189 2.55 23.67 -31.32
C ILE C 189 3.89 23.91 -31.98
N ASN C 190 4.66 22.85 -32.15
CA ASN C 190 5.97 22.92 -32.76
C ASN C 190 6.26 21.62 -33.50
N PRO C 191 5.98 21.57 -34.81
CA PRO C 191 6.25 20.33 -35.54
C PRO C 191 7.65 19.88 -35.17
N GLY C 192 7.80 18.59 -34.87
CA GLY C 192 9.10 18.09 -34.48
C GLY C 192 9.09 17.70 -33.02
N LEU C 193 8.73 18.65 -32.16
CA LEU C 193 8.68 18.40 -30.72
C LEU C 193 7.73 17.26 -30.37
N LYS C 194 8.16 16.43 -29.42
CA LYS C 194 7.41 15.28 -28.96
C LYS C 194 7.87 14.83 -27.59
N LEU C 195 6.95 14.25 -26.82
CA LEU C 195 7.24 13.79 -25.46
C LEU C 195 7.84 12.38 -25.39
N ARG C 196 8.31 12.03 -24.19
CA ARG C 196 8.88 10.71 -23.93
C ARG C 196 7.74 9.75 -23.61
N THR C 210 21.00 4.95 -18.27
CA THR C 210 20.61 5.37 -19.61
C THR C 210 20.16 6.83 -19.58
N THR C 211 18.89 7.08 -19.88
CA THR C 211 18.36 8.44 -19.89
C THR C 211 16.99 8.57 -19.21
N THR C 212 16.88 8.11 -17.97
CA THR C 212 15.62 8.24 -17.24
C THR C 212 15.56 9.67 -16.73
N THR C 213 16.21 10.56 -17.47
CA THR C 213 16.28 11.97 -17.12
C THR C 213 15.41 12.85 -18.00
N ALA C 214 14.91 13.92 -17.41
CA ALA C 214 14.07 14.87 -18.11
C ALA C 214 14.91 15.88 -18.87
N GLN C 215 14.30 16.49 -19.87
CA GLN C 215 14.97 17.51 -20.68
C GLN C 215 14.07 18.72 -20.80
N LEU C 216 14.62 19.79 -21.36
CA LEU C 216 13.85 21.00 -21.56
C LEU C 216 13.89 21.37 -23.03
N LEU C 217 12.80 21.13 -23.73
CA LEU C 217 12.73 21.47 -25.13
C LEU C 217 12.44 22.97 -25.23
N LYS C 218 13.12 23.63 -26.14
CA LYS C 218 12.97 25.08 -26.35
C LYS C 218 11.93 25.43 -27.40
N PHE C 219 10.90 26.18 -26.99
CA PHE C 219 9.86 26.59 -27.93
C PHE C 219 10.42 27.65 -28.88
N ASP C 220 9.83 27.78 -30.06
CA ASP C 220 10.29 28.79 -31.01
C ASP C 220 10.17 30.16 -30.37
N PHE C 221 8.94 30.50 -29.97
CA PHE C 221 8.62 31.78 -29.36
C PHE C 221 9.22 32.07 -27.98
N GLY C 222 10.19 31.27 -27.55
CA GLY C 222 10.78 31.53 -26.25
C GLY C 222 9.95 30.90 -25.16
N GLY C 223 10.60 30.14 -24.29
CA GLY C 223 9.89 29.47 -23.23
C GLY C 223 10.19 28.00 -23.39
N TYR C 224 9.99 27.22 -22.32
CA TYR C 224 10.27 25.80 -22.40
C TYR C 224 9.14 24.89 -21.97
N VAL C 225 9.25 23.65 -22.43
CA VAL C 225 8.32 22.59 -22.10
C VAL C 225 9.22 21.40 -21.74
N VAL C 226 8.84 20.66 -20.71
CA VAL C 226 9.66 19.53 -20.31
C VAL C 226 9.51 18.32 -21.22
N ASP C 227 10.60 17.58 -21.31
CA ASP C 227 10.75 16.37 -22.09
C ASP C 227 9.70 15.30 -21.75
N THR C 228 9.26 15.26 -20.49
CA THR C 228 8.29 14.25 -20.04
C THR C 228 7.15 14.82 -19.20
N PRO C 229 6.00 14.11 -19.17
CA PRO C 229 4.79 14.47 -18.44
C PRO C 229 5.06 14.76 -16.98
N GLY C 230 4.28 15.69 -16.45
CA GLY C 230 4.43 16.07 -15.06
C GLY C 230 4.23 14.99 -14.02
N PHE C 231 3.04 14.96 -13.42
CA PHE C 231 2.79 14.00 -12.35
C PHE C 231 2.23 12.64 -12.78
N ALA C 232 2.94 11.96 -13.67
CA ALA C 232 2.46 10.68 -14.17
C ALA C 232 1.93 9.76 -13.06
N ASN C 233 2.71 9.58 -12.01
CA ASN C 233 2.31 8.70 -10.92
C ASN C 233 1.11 9.16 -10.11
N LEU C 234 0.82 10.46 -10.12
CA LEU C 234 -0.33 10.96 -9.36
C LEU C 234 -0.27 10.56 -7.90
N GLU C 235 0.93 10.67 -7.32
CA GLU C 235 1.18 10.33 -5.91
C GLU C 235 0.93 11.48 -4.95
N ILE C 236 0.04 11.20 -4.00
CA ILE C 236 -0.37 12.14 -2.97
C ILE C 236 -0.04 11.52 -1.62
N ASN C 237 1.23 11.55 -1.23
CA ASN C 237 1.58 10.98 0.05
C ASN C 237 2.36 11.98 0.86
N ASP C 238 3.23 12.73 0.18
CA ASP C 238 4.02 13.74 0.85
C ASP C 238 3.09 14.81 1.40
N ILE C 239 1.78 14.59 1.25
CA ILE C 239 0.78 15.53 1.71
C ILE C 239 0.02 15.04 2.93
N GLU C 240 0.15 15.75 4.04
CA GLU C 240 -0.51 15.39 5.29
C GLU C 240 -2.00 15.75 5.21
N PRO C 241 -2.87 14.92 5.80
CA PRO C 241 -4.31 15.18 5.78
C PRO C 241 -4.67 16.66 5.94
N GLU C 242 -4.31 17.24 7.07
CA GLU C 242 -4.62 18.65 7.32
C GLU C 242 -3.88 19.60 6.39
N GLU C 243 -3.07 19.04 5.51
CA GLU C 243 -2.32 19.84 4.55
C GLU C 243 -3.05 19.93 3.20
N LEU C 244 -4.05 19.07 3.01
CA LEU C 244 -4.81 19.02 1.77
C LEU C 244 -5.59 20.28 1.46
N LYS C 245 -6.58 20.58 2.30
CA LYS C 245 -7.43 21.75 2.13
C LYS C 245 -6.68 22.91 1.47
N HIS C 246 -5.44 23.12 1.89
CA HIS C 246 -4.60 24.20 1.38
C HIS C 246 -4.36 24.11 -0.13
N TYR C 247 -4.61 22.93 -0.69
CA TYR C 247 -4.40 22.73 -2.11
C TYR C 247 -5.70 22.84 -2.87
N PHE C 248 -6.72 23.38 -2.20
CA PHE C 248 -8.00 23.63 -2.81
C PHE C 248 -8.31 25.13 -2.65
N LYS C 249 -7.98 25.91 -3.67
CA LYS C 249 -8.20 27.37 -3.67
C LYS C 249 -9.47 27.82 -2.95
N GLU C 250 -10.62 27.43 -3.49
CA GLU C 250 -11.92 27.82 -2.92
C GLU C 250 -11.94 27.91 -1.40
N PHE C 251 -11.42 26.88 -0.73
CA PHE C 251 -11.37 26.83 0.72
C PHE C 251 -10.46 27.96 1.20
N GLY C 252 -10.81 28.64 2.28
CA GLY C 252 -9.95 29.71 2.75
C GLY C 252 -10.66 30.98 3.13
N ASP C 253 -11.28 31.65 2.15
CA ASP C 253 -12.01 32.87 2.45
C ASP C 253 -13.24 32.44 3.25
N LYS C 254 -13.31 31.13 3.51
CA LYS C 254 -14.40 30.53 4.27
C LYS C 254 -13.93 30.30 5.71
N GLN C 255 -14.68 30.81 6.69
CA GLN C 255 -14.30 30.67 8.10
C GLN C 255 -15.03 29.53 8.80
N CYS C 256 -14.28 28.74 9.56
CA CYS C 256 -14.84 27.58 10.28
C CYS C 256 -14.64 27.69 11.79
N PHE C 257 -15.62 27.21 12.54
CA PHE C 257 -15.57 27.24 14.00
C PHE C 257 -14.30 26.61 14.54
N PHE C 258 -14.07 25.34 14.24
CA PHE C 258 -12.87 24.66 14.72
C PHE C 258 -11.59 25.19 14.10
N SER C 259 -10.56 25.35 14.94
CA SER C 259 -9.27 25.83 14.46
C SER C 259 -8.70 24.78 13.52
N ASP C 260 -8.31 25.21 12.33
CA ASP C 260 -7.76 24.30 11.32
C ASP C 260 -8.72 23.14 11.07
N CYS C 261 -9.96 23.50 10.76
CA CYS C 261 -11.03 22.55 10.47
C CYS C 261 -10.74 21.85 9.14
N ASN C 262 -10.97 20.53 9.09
CA ASN C 262 -10.73 19.76 7.86
C ASN C 262 -11.93 19.77 6.94
N HIS C 263 -13.03 20.36 7.40
CA HIS C 263 -14.24 20.48 6.61
C HIS C 263 -14.98 19.15 6.42
N VAL C 264 -14.28 18.04 6.67
CA VAL C 264 -14.89 16.72 6.52
C VAL C 264 -16.07 16.48 7.47
N ASP C 265 -15.80 16.27 8.76
CA ASP C 265 -16.89 16.02 9.72
C ASP C 265 -17.27 17.21 10.56
N GLU C 266 -16.34 18.14 10.74
CA GLU C 266 -16.58 19.31 11.56
C GLU C 266 -18.00 19.91 11.49
N PRO C 267 -18.50 20.37 12.66
CA PRO C 267 -19.81 20.98 12.91
C PRO C 267 -20.16 22.31 12.26
N GLU C 268 -19.34 23.34 12.45
CA GLU C 268 -19.68 24.63 11.85
C GLU C 268 -18.65 25.07 10.83
N CYS C 269 -18.64 24.38 9.70
CA CYS C 269 -17.70 24.59 8.61
C CYS C 269 -18.16 25.60 7.58
N GLY C 270 -17.38 26.65 7.38
CA GLY C 270 -17.73 27.66 6.39
C GLY C 270 -17.66 27.09 4.99
N VAL C 271 -16.81 26.08 4.83
CA VAL C 271 -16.62 25.43 3.55
C VAL C 271 -17.80 24.54 3.20
N LYS C 272 -18.16 23.64 4.10
CA LYS C 272 -19.29 22.76 3.85
C LYS C 272 -20.47 23.64 3.52
N GLU C 273 -20.60 24.72 4.29
CA GLU C 273 -21.67 25.67 4.12
C GLU C 273 -21.65 26.29 2.72
N ALA C 274 -20.48 26.76 2.30
CA ALA C 274 -20.31 27.37 0.98
C ALA C 274 -20.71 26.40 -0.13
N VAL C 275 -20.53 25.11 0.13
CA VAL C 275 -20.88 24.09 -0.84
C VAL C 275 -22.39 24.02 -0.99
N GLU C 276 -23.08 23.96 0.14
CA GLU C 276 -24.54 23.90 0.14
C GLU C 276 -25.14 25.10 -0.56
N ASN C 277 -24.37 26.19 -0.66
CA ASN C 277 -24.83 27.39 -1.33
C ASN C 277 -24.72 27.21 -2.83
N GLY C 278 -23.52 26.84 -3.27
CA GLY C 278 -23.25 26.67 -4.66
C GLY C 278 -21.90 27.32 -4.89
N GLU C 279 -21.50 28.15 -3.91
CA GLU C 279 -20.23 28.86 -3.96
C GLU C 279 -19.07 27.90 -4.20
N ILE C 280 -19.29 26.64 -3.83
CA ILE C 280 -18.28 25.60 -4.00
C ILE C 280 -18.86 24.40 -4.75
N ALA C 281 -18.11 23.93 -5.75
CA ALA C 281 -18.55 22.80 -6.54
C ALA C 281 -18.70 21.55 -5.68
N GLU C 282 -19.74 20.77 -5.91
CA GLU C 282 -19.92 19.55 -5.14
C GLU C 282 -18.74 18.62 -5.42
N SER C 283 -18.43 18.41 -6.70
CA SER C 283 -17.34 17.53 -7.10
C SER C 283 -16.02 17.93 -6.48
N ARG C 284 -15.84 19.22 -6.24
CA ARG C 284 -14.61 19.70 -5.63
C ARG C 284 -14.58 19.17 -4.20
N TYR C 285 -15.56 19.59 -3.42
CA TYR C 285 -15.66 19.17 -2.04
C TYR C 285 -15.47 17.67 -1.96
N GLU C 286 -16.35 16.94 -2.63
CA GLU C 286 -16.32 15.49 -2.63
C GLU C 286 -14.91 14.95 -2.88
N ASN C 287 -14.33 15.30 -4.02
CA ASN C 287 -13.01 14.83 -4.33
C ASN C 287 -11.99 15.15 -3.26
N TYR C 288 -12.12 16.32 -2.65
CA TYR C 288 -11.19 16.68 -1.59
C TYR C 288 -11.34 15.68 -0.45
N VAL C 289 -12.58 15.46 -0.02
CA VAL C 289 -12.87 14.53 1.06
C VAL C 289 -12.35 13.14 0.71
N LYS C 290 -12.60 12.73 -0.53
CA LYS C 290 -12.16 11.43 -1.02
C LYS C 290 -10.64 11.32 -0.81
N MET C 291 -9.90 12.30 -1.30
CA MET C 291 -8.46 12.31 -1.16
C MET C 291 -8.04 12.42 0.31
N PHE C 292 -8.78 13.21 1.09
CA PHE C 292 -8.47 13.37 2.51
C PHE C 292 -8.35 12.01 3.18
N TYR C 293 -9.36 11.17 2.99
CA TYR C 293 -9.39 9.84 3.58
C TYR C 293 -8.27 8.97 3.05
N GLU C 294 -7.88 9.19 1.80
CA GLU C 294 -6.79 8.41 1.22
C GLU C 294 -5.55 8.73 2.01
N LEU C 295 -5.42 10.00 2.40
CA LEU C 295 -4.26 10.41 3.17
C LEU C 295 -4.21 9.79 4.57
N LEU C 296 -5.37 9.56 5.19
CA LEU C 296 -5.40 8.97 6.52
C LEU C 296 -4.83 7.55 6.57
N GLY C 297 -4.69 6.91 5.42
CA GLY C 297 -4.12 5.57 5.39
C GLY C 297 -2.61 5.66 5.62
N ARG C 298 -2.23 5.90 6.87
CA ARG C 298 -0.84 6.03 7.27
C ARG C 298 -0.69 6.14 8.79
N ARG C 299 -0.03 5.14 9.38
CA ARG C 299 0.19 5.07 10.82
C ARG C 299 -1.00 5.60 11.61
ZN ZN D . 25.23 6.90 -9.70
PB GDP E . 7.31 -26.06 -9.89
O1B GDP E . 8.41 -25.11 -10.25
O2B GDP E . 6.00 -25.38 -9.53
O3B GDP E . 7.71 -27.07 -8.78
O3A GDP E . 7.00 -26.95 -11.26
PA GDP E . 6.92 -28.51 -11.45
O1A GDP E . 5.69 -29.07 -10.81
O2A GDP E . 8.22 -29.17 -11.02
O5' GDP E . 6.83 -28.69 -13.06
C5' GDP E . 5.69 -28.17 -13.76
C4' GDP E . 5.40 -28.99 -14.97
O4' GDP E . 6.54 -28.85 -15.86
C3' GDP E . 5.13 -30.51 -14.73
O3' GDP E . 3.88 -30.85 -15.49
C2' GDP E . 6.35 -31.22 -15.33
O2' GDP E . 5.92 -32.42 -15.97
C1' GDP E . 7.01 -30.12 -16.23
N9 GDP E . 8.59 -30.01 -16.21
C8 GDP E . 9.36 -29.72 -15.13
N7 GDP E . 10.67 -29.69 -15.47
C5 GDP E . 10.70 -29.98 -16.84
C6 GDP E . 11.81 -30.08 -17.73
O6 GDP E . 13.00 -29.90 -17.45
N1 GDP E . 11.43 -30.39 -19.06
C2 GDP E . 10.12 -30.59 -19.44
N2 GDP E . 9.88 -30.89 -20.72
N3 GDP E . 9.08 -30.49 -18.57
C4 GDP E . 9.44 -30.18 -17.31
ZN ZN F . 0.83 -19.66 21.09
PB GDP G . -27.94 -4.11 2.69
O1B GDP G . -27.26 -5.14 3.54
O2B GDP G . -27.09 -3.54 1.56
O3B GDP G . -28.59 -2.98 3.55
O3A GDP G . -29.19 -4.94 1.91
PA GDP G . -30.74 -4.82 2.04
O1A GDP G . -31.25 -3.55 1.42
O2A GDP G . -31.17 -5.01 3.48
O5' GDP G . -31.24 -6.11 1.20
C5' GDP G . -31.01 -6.22 -0.21
C4' GDP G . -32.04 -7.13 -0.85
O4' GDP G . -32.16 -8.34 -0.03
C3' GDP G . -33.48 -6.52 -0.99
O3' GDP G . -34.04 -6.98 -2.30
C2' GDP G . -34.22 -7.13 0.16
O2' GDP G . -35.60 -7.13 -0.08
C1' GDP G . -33.50 -8.50 0.33
N9 GDP G . -33.58 -9.02 1.80
C8 GDP G . -33.16 -8.34 2.89
N7 GDP G . -33.37 -9.05 4.01
C5 GDP G . -33.95 -10.24 3.57
C6 GDP G . -34.39 -11.38 4.32
O6 GDP G . -34.35 -11.52 5.56
N1 GDP G . -34.94 -12.41 3.50
C2 GDP G . -35.02 -12.30 2.11
N2 GDP G . -35.56 -13.34 1.44
N3 GDP G . -34.59 -11.21 1.42
C4 GDP G . -34.07 -10.24 2.20
ZN ZN H . -14.28 23.93 8.04
PB GDP I . -0.45 11.38 -24.67
O1B GDP I . -1.30 11.90 -23.56
O2B GDP I . -0.06 9.91 -24.56
O3B GDP I . 0.79 12.26 -24.91
O3A GDP I . -1.38 11.47 -26.04
PA GDP I . -0.94 11.37 -27.53
O1A GDP I . 0.17 10.42 -27.72
O2A GDP I . -0.70 12.76 -28.05
O5' GDP I . -2.28 10.85 -28.24
C5' GDP I . -2.83 9.54 -27.99
C4' GDP I . -3.79 9.21 -29.11
O4' GDP I . -4.84 10.24 -29.10
C3' GDP I . -3.18 9.19 -30.53
O3' GDP I . -3.91 8.12 -31.24
C2' GDP I . -3.54 10.56 -31.05
O2' GDP I . -3.47 10.64 -32.44
C1' GDP I . -4.89 10.81 -30.38
N9 GDP I . -5.22 12.33 -30.23
C8 GDP I . -4.44 13.26 -29.61
N7 GDP I . -5.00 14.47 -29.66
C5 GDP I . -6.20 14.28 -30.36
C6 GDP I . -7.21 15.20 -30.71
O6 GDP I . -7.21 16.41 -30.44
N1 GDP I . -8.29 14.63 -31.41
C2 GDP I . -8.34 13.27 -31.74
N2 GDP I . -9.41 12.81 -32.41
N3 GDP I . -7.37 12.39 -31.40
C4 GDP I . -6.34 12.96 -30.71
#